data_6ORV
#
_entry.id   6ORV
#
_cell.length_a   1.00
_cell.length_b   1.00
_cell.length_c   1.00
_cell.angle_alpha   90.00
_cell.angle_beta   90.00
_cell.angle_gamma   90.00
#
_symmetry.space_group_name_H-M   'P 1'
#
loop_
_entity.id
_entity.type
_entity.pdbx_description
1 polymer 'Guanine nucleotide-binding protein G(s) subunit alpha isoforms short'
2 polymer 'Guanine nucleotide-binding protein G(I)/G(S)/G(T) subunit beta-1'
3 polymer 'Guanine nucleotide-binding protein G(I)/G(S)/G(O) subunit gamma-2'
4 polymer 'Nanobody 35'
5 polymer 'Glucagon-like peptide 1 receptor'
6 non-polymer N-{(3S,8S)-3-{4-[(3,4-dichlorophenyl)methoxy]phenyl}-7-[(1S)-1-phenylpropyl]-2,3,6,7,8,9-hexahydro[1,4]dioxino[2,3-g]isoquinoline-8-carbonyl}-4-(2,3-dimethylpyridin-4-yl)-L-phenylalanine
#
loop_
_entity_poly.entity_id
_entity_poly.type
_entity_poly.pdbx_seq_one_letter_code
_entity_poly.pdbx_strand_id
1 'polypeptide(L)'
;MGCLGNSKTEDQRNEEKAQREANKKIEKQLQKDKQVYRATHRLLLLGAGESGKNTIVKQMRILHVNGFNGEGGEEDPQAA
RSNSDGEKATKVQDIKNNLKEAIETIVAAMSNLVPPVELANPENQFRVDYILSVMNVPDFDFPPEFYEHAKALWEDEGVR
ACYERSNEYQLIDCAQYFLDKIDVIKQADYVPSDQDLLRCRVLTSGIFETKFQVDKVNFHMFDVGAQRDERRKWIQCFND
VTAIIFVVASSSYNMVIREDNQTNRLQAALKLFDSIWNNKWLRDTSVILFLNKQDLLAEKVLAGKSKIEDYFPEFARYTT
PEDATPEPGEDPRVTRAKYFIRDEFLRISTASGDGRHYCYPHFTCAVDTENIRRVFNDCRDIIQRMHLRQYELL
;
AP
2 'polypeptide(L)'
;MHHHHHHGSSGSELDQLRQEAEQLKNQIRDARKACADATLSQITNNIDPVGRIQMRTRRTLRGHLAKIYAMHWGTDSRLL
VSASQDGKLIIWDSYTTNKVHAIPLRSSWVMTCAYAPSGNYVACGGLDNICSIYNLKTREGNVRVSRELAGHTGYLSCCR
FLDDNQIVTSSGDTTCALWDIETGQQTTTFTGHTGDVMSLSLAPDTRLFVSGACDASAKLWDVREGMCRQTFTGHESDIN
AICFFPNGNAFATGSDDATCRLFDLRADQELMTYSHDNIICGITSVSFSKSGRLLLAGYDDFNCNVWDALKADRAGVLAG
HDNRVSCLGVTDDGMAVATGSWDSFLKIWN
;
BP
3 'polypeptide(L)' MASNNTASIAQARKLVEQLKMEANIDRIKVSKAAADLMAYCEAHAKEDPLLTPVPASENPFREKKFFCAIL GP
4 'polypeptide(L)'
;QVQLQESGGGLVQPGGSLRLSCAASGFTFSNYKMNWVRQAPGKGLEWVSDISQSGASISYTGSVKGRFTISRDNAKNTLY
LQMNSLKPEDTAVYYCARCPAPFTRDCFDVTSTTYAYRGQGTQVTVSSHHHHHHEPEA
;
NP
5 'polypeptide(L)'
;MKTIIALSYIFCLVFADYKDDDDLEVLFQGPARPQGATVSLWETVQKWREYRRQCQRSLTEDPPPATDLFCNRTFDEYAC
WPDGEPGSFVNVSCPWYLPWASSVPQGHVYRFCTAEGLWLQKDNSSLPWRDLSECEESKRGERSSPEEQLLFLYIIYTVG
YALSFSALVIASAILLGFRHLHCTRNYIHLNLFASFILRALSVFIKDAALKWMYSTAAQQHQWDGLLSYQDSLSCRLVFL
LMQYCVAANYYWLLVEGVYLYTLLAFSVFSEQWIFRLYVSIGWGVPLLFVVPWGIVKYLYEDEGCWTRNSNMNYWLIIRL
PILFAIGVNFLIFVRVICIVVSKLKANLMCKTDIKCRLAKSTLTLIPLLGTHEVIFAFVMDEHARGTLRFIKLFTELSFT
SFQGLMVAILYCFVNNEVQLEFRKSWERWRLEHLHIQRDSSMKPLKCPTSSLSSGATAGSSMYTATCQASCSPAGLEVLF
QGPHHHHHHHH
;
RP
#
# COMPACT_ATOMS: atom_id res chain seq x y z
N ASP A 11 -16.56 -38.60 -8.21
CA ASP A 11 -16.69 -39.24 -6.91
C ASP A 11 -15.55 -38.85 -5.97
N GLN A 12 -14.31 -39.04 -6.40
CA GLN A 12 -13.15 -38.59 -5.64
C GLN A 12 -12.11 -37.86 -6.49
N ARG A 13 -12.04 -38.11 -7.80
CA ARG A 13 -11.28 -37.27 -8.72
C ARG A 13 -12.15 -36.57 -9.75
N ASN A 14 -13.38 -37.04 -9.97
CA ASN A 14 -14.26 -36.43 -10.97
C ASN A 14 -14.65 -35.00 -10.62
N GLU A 15 -14.56 -34.62 -9.34
CA GLU A 15 -14.79 -33.26 -8.89
C GLU A 15 -13.51 -32.53 -8.53
N GLU A 16 -12.38 -33.22 -8.47
CA GLU A 16 -11.16 -32.62 -7.93
C GLU A 16 -10.05 -32.44 -8.95
N LYS A 17 -9.68 -33.48 -9.69
CA LYS A 17 -8.64 -33.28 -10.69
C LYS A 17 -9.16 -32.54 -11.91
N ALA A 18 -10.47 -32.45 -12.09
CA ALA A 18 -11.08 -31.54 -13.05
C ALA A 18 -11.34 -30.16 -12.47
N GLN A 19 -11.26 -30.00 -11.15
CA GLN A 19 -11.27 -28.68 -10.54
C GLN A 19 -9.92 -28.01 -10.69
N ARG A 20 -8.84 -28.78 -10.55
CA ARG A 20 -7.49 -28.27 -10.75
C ARG A 20 -7.11 -28.15 -12.22
N GLU A 21 -7.97 -28.60 -13.13
CA GLU A 21 -7.79 -28.33 -14.55
C GLU A 21 -8.40 -26.99 -14.95
N ALA A 22 -9.60 -26.69 -14.44
CA ALA A 22 -10.18 -25.37 -14.66
C ALA A 22 -9.46 -24.30 -13.86
N ASN A 23 -8.73 -24.70 -12.82
CA ASN A 23 -7.87 -23.76 -12.11
C ASN A 23 -6.63 -23.44 -12.93
N LYS A 24 -6.08 -24.42 -13.66
CA LYS A 24 -4.85 -24.16 -14.39
C LYS A 24 -5.15 -23.58 -15.78
N LYS A 25 -6.42 -23.58 -16.17
CA LYS A 25 -6.84 -22.79 -17.33
C LYS A 25 -7.11 -21.35 -16.93
N ILE A 26 -7.16 -21.09 -15.62
CA ILE A 26 -7.30 -19.71 -15.14
C ILE A 26 -5.93 -19.05 -15.07
N GLU A 27 -4.94 -19.78 -14.55
CA GLU A 27 -3.63 -19.19 -14.33
C GLU A 27 -2.83 -19.06 -15.63
N LYS A 28 -3.32 -19.68 -16.72
CA LYS A 28 -2.73 -19.37 -18.01
C LYS A 28 -3.25 -18.04 -18.54
N GLN A 29 -4.49 -17.69 -18.19
CA GLN A 29 -5.02 -16.39 -18.56
C GLN A 29 -4.62 -15.32 -17.56
N LEU A 30 -4.27 -15.73 -16.33
CA LEU A 30 -3.78 -14.76 -15.36
C LEU A 30 -2.32 -14.44 -15.60
N GLN A 31 -1.65 -15.20 -16.46
CA GLN A 31 -0.28 -14.88 -16.82
C GLN A 31 -0.22 -13.93 -18.00
N LYS A 32 -1.15 -14.06 -18.93
CA LYS A 32 -1.26 -13.07 -19.99
C LYS A 32 -1.81 -11.76 -19.46
N ASP A 33 -2.63 -11.82 -18.41
CA ASP A 33 -3.17 -10.62 -17.80
C ASP A 33 -2.16 -9.98 -16.87
N LYS A 34 -1.15 -10.73 -16.45
CA LYS A 34 -0.06 -10.13 -15.68
C LYS A 34 0.96 -9.46 -16.58
N GLN A 35 1.20 -10.01 -17.78
CA GLN A 35 2.16 -9.40 -18.67
C GLN A 35 1.64 -8.09 -19.24
N VAL A 36 0.32 -7.91 -19.26
CA VAL A 36 -0.26 -6.67 -19.74
C VAL A 36 -0.54 -5.70 -18.60
N TYR A 37 -0.59 -6.18 -17.36
CA TYR A 37 -0.79 -5.28 -16.23
C TYR A 37 0.50 -4.55 -15.87
N ARG A 38 1.63 -5.26 -15.92
CA ARG A 38 2.92 -4.62 -15.66
C ARG A 38 3.43 -3.82 -16.84
N ALA A 39 2.86 -3.98 -18.02
CA ALA A 39 3.31 -3.23 -19.18
C ALA A 39 2.60 -1.90 -19.36
N THR A 40 1.41 -1.74 -18.79
CA THR A 40 0.69 -0.48 -18.88
C THR A 40 1.01 0.39 -17.68
N HIS A 41 0.97 1.70 -17.90
CA HIS A 41 1.21 2.68 -16.85
C HIS A 41 -0.08 3.41 -16.55
N ARG A 42 -0.53 3.28 -15.31
CA ARG A 42 -1.76 3.91 -14.86
C ARG A 42 -1.42 5.29 -14.33
N LEU A 43 -2.19 6.29 -14.76
CA LEU A 43 -2.02 7.66 -14.31
C LEU A 43 -3.36 8.17 -13.80
N LEU A 44 -3.33 8.90 -12.70
CA LEU A 44 -4.50 9.62 -12.25
C LEU A 44 -4.38 11.07 -12.70
N LEU A 45 -5.40 11.55 -13.38
CA LEU A 45 -5.44 12.93 -13.87
C LEU A 45 -6.50 13.68 -13.11
N LEU A 46 -6.09 14.70 -12.36
CA LEU A 46 -7.05 15.48 -11.60
C LEU A 46 -6.66 16.95 -11.68
N GLY A 47 -7.65 17.81 -11.45
CA GLY A 47 -7.44 19.24 -11.47
C GLY A 47 -7.25 19.82 -10.09
N SER A 205 -19.25 7.92 -17.14
CA SER A 205 -19.69 7.50 -15.82
C SER A 205 -18.88 8.23 -14.74
N GLY A 206 -18.41 7.48 -13.75
CA GLY A 206 -17.60 8.02 -12.68
C GLY A 206 -16.12 7.93 -12.90
N ILE A 207 -15.68 7.34 -14.00
CA ILE A 207 -14.28 7.32 -14.38
C ILE A 207 -14.22 7.47 -15.88
N PHE A 208 -13.12 8.05 -16.37
CA PHE A 208 -12.95 8.32 -17.79
C PHE A 208 -11.59 7.79 -18.20
N GLU A 209 -11.55 6.50 -18.53
CA GLU A 209 -10.30 5.84 -18.91
C GLU A 209 -9.88 6.29 -20.30
N THR A 210 -8.66 6.80 -20.42
CA THR A 210 -8.16 7.42 -21.65
C THR A 210 -6.85 6.74 -22.06
N LYS A 211 -6.92 5.86 -23.05
CA LYS A 211 -5.75 5.11 -23.49
C LYS A 211 -4.92 5.94 -24.44
N PHE A 212 -3.61 5.93 -24.25
CA PHE A 212 -2.69 6.49 -25.23
C PHE A 212 -1.36 5.77 -25.13
N GLN A 213 -0.55 5.91 -26.17
CA GLN A 213 0.68 5.15 -26.31
C GLN A 213 1.76 6.05 -26.89
N VAL A 214 2.88 6.14 -26.17
CA VAL A 214 4.02 6.93 -26.61
C VAL A 214 5.22 6.01 -26.74
N ASP A 215 5.71 5.86 -27.99
CA ASP A 215 6.85 5.00 -28.34
C ASP A 215 6.64 3.56 -27.87
N LYS A 216 5.46 3.03 -28.20
CA LYS A 216 5.05 1.64 -27.96
C LYS A 216 5.04 1.27 -26.49
N VAL A 217 4.85 2.26 -25.61
CA VAL A 217 4.57 2.05 -24.20
C VAL A 217 3.18 2.58 -23.93
N ASN A 218 2.28 1.71 -23.50
CA ASN A 218 0.88 2.06 -23.38
C ASN A 218 0.59 2.65 -22.01
N PHE A 219 -0.04 3.83 -22.00
CA PHE A 219 -0.40 4.51 -20.78
C PHE A 219 -1.90 4.47 -20.59
N HIS A 220 -2.33 4.60 -19.34
CA HIS A 220 -3.74 4.68 -19.00
C HIS A 220 -3.95 5.89 -18.11
N MET A 221 -4.87 6.75 -18.48
CA MET A 221 -5.14 7.96 -17.72
C MET A 221 -6.60 7.99 -17.31
N PHE A 222 -6.84 8.16 -16.02
CA PHE A 222 -8.18 8.07 -15.45
C PHE A 222 -8.55 9.43 -14.87
N ASP A 223 -9.42 10.15 -15.56
CA ASP A 223 -10.02 11.34 -15.02
C ASP A 223 -11.30 10.97 -14.30
N VAL A 224 -11.41 11.37 -13.03
CA VAL A 224 -12.62 11.11 -12.27
C VAL A 224 -13.74 12.03 -12.74
N GLY A 225 -14.90 11.45 -13.02
CA GLY A 225 -16.00 12.19 -13.55
C GLY A 225 -17.06 12.50 -12.51
N ALA A 226 -18.13 11.71 -12.50
CA ALA A 226 -19.23 11.90 -11.56
C ALA A 226 -18.80 11.39 -10.19
N GLN A 227 -18.00 12.21 -9.51
CA GLN A 227 -17.63 12.01 -8.11
C GLN A 227 -17.82 13.33 -7.39
N ARG A 228 -17.99 13.25 -6.08
CA ARG A 228 -18.12 14.47 -5.30
C ARG A 228 -16.76 15.13 -5.11
N ASP A 229 -16.78 16.37 -4.62
CA ASP A 229 -15.57 17.08 -4.30
C ASP A 229 -14.99 16.71 -2.94
N GLU A 230 -15.61 15.75 -2.25
CA GLU A 230 -15.01 15.08 -1.10
C GLU A 230 -14.16 13.94 -1.63
N ARG A 231 -12.85 13.96 -1.38
CA ARG A 231 -11.97 13.02 -2.03
C ARG A 231 -11.01 12.33 -1.08
N ARG A 232 -11.30 12.27 0.21
CA ARG A 232 -10.36 11.61 1.10
C ARG A 232 -10.48 10.10 1.07
N LYS A 233 -11.49 9.56 0.38
CA LYS A 233 -11.80 8.15 0.46
C LYS A 233 -11.61 7.41 -0.86
N TRP A 234 -11.81 8.07 -2.00
CA TRP A 234 -11.51 7.42 -3.26
C TRP A 234 -10.13 7.76 -3.80
N ILE A 235 -9.40 8.67 -3.16
CA ILE A 235 -8.04 8.96 -3.59
C ILE A 235 -7.09 7.85 -3.15
N GLN A 236 -7.52 6.99 -2.24
CA GLN A 236 -6.72 5.87 -1.78
C GLN A 236 -6.69 4.73 -2.78
N CYS A 237 -7.59 4.74 -3.76
CA CYS A 237 -7.56 3.78 -4.86
C CYS A 237 -6.37 4.00 -5.77
N PHE A 238 -5.84 5.22 -5.80
CA PHE A 238 -4.86 5.64 -6.77
C PHE A 238 -3.48 5.77 -6.15
N ASN A 239 -3.13 4.88 -5.22
CA ASN A 239 -1.77 4.86 -4.73
C ASN A 239 -0.89 3.90 -5.49
N ASP A 240 -1.49 2.99 -6.27
CA ASP A 240 -0.72 2.07 -7.08
C ASP A 240 -0.35 2.63 -8.44
N VAL A 241 -0.84 3.82 -8.79
CA VAL A 241 -0.58 4.36 -10.12
C VAL A 241 0.87 4.83 -10.22
N THR A 242 1.32 5.02 -11.45
CA THR A 242 2.69 5.44 -11.68
C THR A 242 2.90 6.88 -11.25
N ALA A 243 2.09 7.78 -11.78
CA ALA A 243 2.23 9.20 -11.52
C ALA A 243 0.86 9.83 -11.45
N ILE A 244 0.70 10.74 -10.50
CA ILE A 244 -0.53 11.51 -10.36
C ILE A 244 -0.35 12.78 -11.14
N ILE A 245 -1.04 12.91 -12.27
CA ILE A 245 -0.98 14.14 -13.04
C ILE A 245 -1.87 15.17 -12.35
N PHE A 246 -1.30 16.30 -11.98
CA PHE A 246 -2.02 17.33 -11.23
C PHE A 246 -1.98 18.60 -12.06
N VAL A 247 -3.08 18.93 -12.71
CA VAL A 247 -3.15 20.09 -13.59
C VAL A 247 -3.64 21.29 -12.79
N VAL A 248 -2.81 22.32 -12.71
CA VAL A 248 -3.08 23.50 -11.92
C VAL A 248 -3.49 24.66 -12.82
N ALA A 249 -4.78 24.87 -12.99
CA ALA A 249 -5.26 25.96 -13.80
C ALA A 249 -5.42 27.21 -12.96
N ASN A 264 -6.72 32.18 -4.34
CA ASN A 264 -8.09 31.70 -4.50
C ASN A 264 -8.08 30.28 -5.02
N ARG A 265 -8.22 30.12 -6.34
CA ARG A 265 -8.25 28.79 -6.92
C ARG A 265 -6.86 28.20 -7.10
N LEU A 266 -5.81 29.01 -6.99
CA LEU A 266 -4.45 28.50 -6.98
C LEU A 266 -3.95 28.18 -5.58
N GLN A 267 -4.41 28.92 -4.57
CA GLN A 267 -4.16 28.54 -3.19
C GLN A 267 -4.88 27.24 -2.85
N ALA A 268 -6.02 26.98 -3.47
CA ALA A 268 -6.72 25.72 -3.26
C ALA A 268 -6.01 24.57 -3.97
N ALA A 269 -5.15 24.89 -4.95
CA ALA A 269 -4.38 23.84 -5.61
C ALA A 269 -3.10 23.53 -4.84
N LEU A 270 -2.56 24.50 -4.11
CA LEU A 270 -1.46 24.21 -3.20
C LEU A 270 -1.92 23.36 -2.04
N LYS A 271 -3.08 23.67 -1.47
CA LYS A 271 -3.59 22.91 -0.34
C LYS A 271 -4.11 21.55 -0.73
N LEU A 272 -4.45 21.34 -2.00
CA LEU A 272 -4.75 20.00 -2.49
C LEU A 272 -3.47 19.22 -2.71
N PHE A 273 -2.47 19.84 -3.33
CA PHE A 273 -1.18 19.18 -3.54
C PHE A 273 -0.47 18.92 -2.23
N ASP A 274 -0.70 19.75 -1.22
CA ASP A 274 -0.14 19.50 0.11
C ASP A 274 -0.77 18.29 0.75
N SER A 275 -2.01 17.95 0.36
CA SER A 275 -2.70 16.80 0.91
C SER A 275 -2.30 15.51 0.17
N ILE A 276 -2.12 15.60 -1.15
CA ILE A 276 -1.66 14.46 -1.92
C ILE A 276 -0.23 14.10 -1.54
N TRP A 277 0.62 15.10 -1.33
CA TRP A 277 2.01 14.86 -0.99
C TRP A 277 2.17 14.25 0.39
N ASN A 278 1.28 14.58 1.32
CA ASN A 278 1.40 14.17 2.70
C ASN A 278 0.45 13.05 3.10
N ASN A 279 -0.29 12.48 2.16
CA ASN A 279 -1.17 11.38 2.50
C ASN A 279 -0.35 10.14 2.77
N LYS A 280 -0.78 9.35 3.74
CA LYS A 280 -0.03 8.17 4.18
C LYS A 280 0.06 7.11 3.09
N TRP A 281 -0.94 7.04 2.23
CA TRP A 281 -0.93 6.08 1.13
C TRP A 281 -0.38 6.66 -0.15
N LEU A 282 -0.48 7.97 -0.34
CA LEU A 282 0.08 8.65 -1.49
C LEU A 282 1.46 9.21 -1.20
N ARG A 283 2.23 8.55 -0.34
CA ARG A 283 3.59 8.91 -0.06
C ARG A 283 4.59 8.27 -1.02
N ASP A 284 4.20 7.24 -1.74
CA ASP A 284 5.09 6.63 -2.71
C ASP A 284 4.67 6.93 -4.14
N THR A 285 3.72 7.83 -4.33
CA THR A 285 3.16 8.12 -5.65
C THR A 285 3.66 9.48 -6.11
N SER A 286 4.39 9.50 -7.21
CA SER A 286 4.97 10.71 -7.75
C SER A 286 3.90 11.57 -8.39
N VAL A 287 4.16 12.86 -8.48
CA VAL A 287 3.20 13.84 -8.97
C VAL A 287 3.82 14.57 -10.15
N ILE A 288 3.34 14.29 -11.36
CA ILE A 288 3.60 15.21 -12.47
C ILE A 288 2.64 16.38 -12.32
N LEU A 289 3.12 17.58 -12.59
CA LEU A 289 2.40 18.78 -12.23
C LEU A 289 2.44 19.76 -13.39
N PHE A 290 1.30 20.03 -14.01
CA PHE A 290 1.23 20.87 -15.18
C PHE A 290 0.56 22.19 -14.85
N LEU A 291 1.02 23.25 -15.49
CA LEU A 291 0.64 24.62 -15.18
C LEU A 291 0.14 25.29 -16.45
N ASN A 292 -0.91 26.12 -16.33
CA ASN A 292 -1.57 26.65 -17.51
C ASN A 292 -1.54 28.16 -17.60
N LYS A 293 -2.01 28.86 -16.57
CA LYS A 293 -2.52 30.22 -16.75
C LYS A 293 -1.41 31.26 -16.77
N GLN A 294 -1.70 32.35 -17.47
CA GLN A 294 -0.85 33.54 -17.52
C GLN A 294 -1.75 34.74 -17.71
N ASP A 295 -1.17 35.93 -17.61
CA ASP A 295 -1.89 37.17 -17.90
C ASP A 295 -0.93 38.29 -18.28
N ILE A 308 -0.61 36.22 -8.53
CA ILE A 308 -1.01 37.61 -8.41
C ILE A 308 -0.43 38.15 -7.11
N GLU A 309 -0.30 39.47 -7.03
CA GLU A 309 0.21 40.12 -5.82
C GLU A 309 -0.86 40.29 -4.76
N ASP A 310 -2.13 40.04 -5.07
CA ASP A 310 -3.19 40.13 -4.07
C ASP A 310 -3.20 38.90 -3.19
N TYR A 311 -3.45 37.73 -3.78
CA TYR A 311 -3.47 36.48 -3.03
C TYR A 311 -2.10 36.00 -2.60
N PHE A 312 -1.03 36.62 -3.11
CA PHE A 312 0.33 36.30 -2.70
C PHE A 312 1.08 37.62 -2.57
N PRO A 313 1.11 38.20 -1.37
CA PRO A 313 1.83 39.47 -1.19
C PRO A 313 3.33 39.30 -1.19
N GLU A 314 3.83 38.09 -0.96
CA GLU A 314 5.26 37.81 -1.05
C GLU A 314 5.76 37.82 -2.50
N PHE A 315 4.84 37.71 -3.46
CA PHE A 315 5.22 37.75 -4.87
C PHE A 315 5.80 39.10 -5.28
N ALA A 316 5.32 40.18 -4.67
CA ALA A 316 5.83 41.51 -4.99
C ALA A 316 7.28 41.67 -4.53
N ARG A 317 7.68 40.97 -3.48
CA ARG A 317 9.08 40.87 -3.07
C ARG A 317 9.74 39.61 -3.63
N TYR A 318 9.62 39.38 -4.94
CA TYR A 318 10.15 38.18 -5.55
C TYR A 318 10.59 38.49 -6.97
N THR A 319 11.85 38.17 -7.28
CA THR A 319 12.36 38.22 -8.64
C THR A 319 12.76 36.82 -9.07
N THR A 320 12.69 36.57 -10.37
CA THR A 320 12.89 35.23 -10.91
C THR A 320 14.34 34.78 -10.74
N PRO A 321 14.57 33.47 -10.58
CA PRO A 321 15.94 32.97 -10.57
C PRO A 321 16.57 33.07 -11.94
N GLU A 322 17.76 33.66 -12.01
CA GLU A 322 18.48 33.72 -13.28
C GLU A 322 19.02 32.36 -13.70
N ASP A 323 19.14 31.43 -12.78
CA ASP A 323 19.64 30.09 -13.08
C ASP A 323 18.67 29.27 -13.92
N ALA A 324 17.40 29.65 -13.98
CA ALA A 324 16.40 29.00 -14.81
C ALA A 324 15.75 30.06 -15.68
N THR A 325 15.94 29.95 -17.00
CA THR A 325 15.57 30.97 -17.96
C THR A 325 14.66 30.40 -19.03
N PRO A 326 13.82 31.22 -19.66
CA PRO A 326 13.14 30.81 -20.89
C PRO A 326 13.91 31.22 -22.13
N GLU A 327 13.76 30.41 -23.17
CA GLU A 327 14.34 30.69 -24.49
C GLU A 327 13.56 31.68 -25.38
N PRO A 328 12.26 31.51 -25.67
CA PRO A 328 11.64 32.39 -26.69
C PRO A 328 11.37 33.80 -26.23
N GLY A 329 11.39 34.06 -24.92
CA GLY A 329 11.23 35.41 -24.40
C GLY A 329 9.85 35.99 -24.58
N GLU A 330 8.87 35.44 -23.87
CA GLU A 330 7.48 35.88 -23.99
C GLU A 330 7.30 37.25 -23.35
N ASP A 331 7.85 37.43 -22.15
CA ASP A 331 7.71 38.59 -21.29
C ASP A 331 8.67 38.39 -20.13
N PRO A 332 9.38 39.43 -19.66
CA PRO A 332 10.05 39.31 -18.36
C PRO A 332 9.10 39.23 -17.18
N ARG A 333 7.89 39.79 -17.32
CA ARG A 333 6.93 39.84 -16.22
C ARG A 333 6.07 38.59 -16.11
N VAL A 334 6.09 37.72 -17.12
CA VAL A 334 5.36 36.46 -17.04
C VAL A 334 6.25 35.36 -16.47
N THR A 335 7.51 35.33 -16.88
CA THR A 335 8.43 34.32 -16.39
C THR A 335 8.87 34.57 -14.95
N ARG A 336 8.59 35.74 -14.38
CA ARG A 336 8.78 35.92 -12.95
C ARG A 336 7.57 35.44 -12.15
N ALA A 337 6.44 35.21 -12.81
CA ALA A 337 5.21 34.79 -12.15
C ALA A 337 5.03 33.27 -12.20
N LYS A 338 5.31 32.65 -13.34
CA LYS A 338 5.19 31.20 -13.42
C LYS A 338 6.35 30.50 -12.74
N TYR A 339 7.45 31.21 -12.50
CA TYR A 339 8.51 30.66 -11.67
C TYR A 339 8.28 30.91 -10.20
N PHE A 340 7.30 31.75 -9.87
CA PHE A 340 6.89 31.93 -8.48
C PHE A 340 5.97 30.81 -8.03
N ILE A 341 4.91 30.54 -8.81
CA ILE A 341 3.98 29.49 -8.48
C ILE A 341 4.58 28.12 -8.72
N ARG A 342 5.67 28.03 -9.47
CA ARG A 342 6.45 26.79 -9.48
C ARG A 342 7.15 26.60 -8.14
N ASP A 343 7.69 27.68 -7.58
CA ASP A 343 8.38 27.58 -6.29
C ASP A 343 7.41 27.60 -5.12
N GLU A 344 6.12 27.79 -5.38
CA GLU A 344 5.12 27.55 -4.34
C GLU A 344 4.84 26.06 -4.19
N PHE A 345 4.79 25.35 -5.31
CA PHE A 345 4.56 23.91 -5.31
C PHE A 345 5.82 23.11 -5.04
N LEU A 346 6.99 23.75 -5.12
CA LEU A 346 8.23 23.10 -4.75
C LEU A 346 8.64 23.43 -3.32
N ARG A 347 7.91 24.31 -2.66
CA ARG A 347 8.06 24.48 -1.22
C ARG A 347 7.37 23.35 -0.47
N ILE A 348 6.40 22.71 -1.12
CA ILE A 348 5.74 21.54 -0.53
C ILE A 348 6.58 20.29 -0.73
N SER A 349 7.13 20.13 -1.94
CA SER A 349 7.79 18.89 -2.30
C SER A 349 9.14 18.73 -1.61
N THR A 350 9.83 19.83 -1.37
CA THR A 350 11.12 19.82 -0.67
C THR A 350 10.94 20.13 0.81
N ALA A 351 9.83 19.69 1.39
CA ALA A 351 9.58 19.80 2.83
C ALA A 351 9.25 18.41 3.32
N SER A 352 10.27 17.69 3.80
CA SER A 352 10.18 16.41 4.50
C SER A 352 9.63 15.26 3.63
N GLY A 353 9.47 15.47 2.32
CA GLY A 353 9.15 14.37 1.45
C GLY A 353 10.41 13.81 0.81
N ASP A 354 10.95 12.73 1.39
CA ASP A 354 12.26 12.24 1.01
C ASP A 354 12.16 11.36 -0.23
N GLY A 355 13.21 10.60 -0.53
CA GLY A 355 13.33 9.89 -1.78
C GLY A 355 12.42 8.69 -1.94
N ARG A 356 11.12 8.94 -2.01
CA ARG A 356 10.14 7.93 -2.34
C ARG A 356 9.11 8.40 -3.36
N HIS A 357 8.92 9.70 -3.54
CA HIS A 357 8.03 10.25 -4.54
C HIS A 357 8.57 11.60 -4.92
N TYR A 358 8.41 11.96 -6.20
CA TYR A 358 9.10 13.10 -6.77
C TYR A 358 8.09 13.95 -7.54
N CYS A 359 8.24 15.26 -7.44
CA CYS A 359 7.38 16.19 -8.16
C CYS A 359 8.08 16.64 -9.43
N TYR A 360 7.35 16.66 -10.54
CA TYR A 360 7.88 17.04 -11.84
C TYR A 360 7.05 18.21 -12.37
N PRO A 361 7.43 19.44 -12.10
CA PRO A 361 6.61 20.57 -12.52
C PRO A 361 6.91 21.03 -13.94
N HIS A 362 5.88 21.29 -14.73
CA HIS A 362 6.02 21.74 -16.10
C HIS A 362 5.13 22.94 -16.36
N PHE A 363 5.47 23.70 -17.40
CA PHE A 363 4.67 24.83 -17.86
C PHE A 363 4.05 24.49 -19.20
N THR A 364 2.74 24.71 -19.32
CA THR A 364 2.04 24.45 -20.58
C THR A 364 1.48 25.75 -21.15
N ASN A 371 3.28 17.58 -24.71
CA ASN A 371 2.65 17.49 -23.39
C ASN A 371 2.46 16.03 -23.00
N ILE A 372 2.19 15.21 -24.01
CA ILE A 372 2.10 13.77 -23.80
C ILE A 372 3.50 13.16 -23.81
N ARG A 373 4.45 13.80 -24.49
CA ARG A 373 5.84 13.39 -24.41
C ARG A 373 6.44 13.69 -23.05
N ARG A 374 5.96 14.72 -22.37
CA ARG A 374 6.51 15.08 -21.06
C ARG A 374 6.08 14.11 -19.98
N VAL A 375 4.90 13.49 -20.15
CA VAL A 375 4.47 12.46 -19.21
C VAL A 375 5.24 11.18 -19.45
N PHE A 376 5.59 10.91 -20.71
CA PHE A 376 6.36 9.72 -21.04
C PHE A 376 7.79 9.82 -20.53
N ASN A 377 8.36 11.03 -20.52
CA ASN A 377 9.71 11.22 -20.03
C ASN A 377 9.76 11.29 -18.51
N ASP A 378 8.64 11.60 -17.86
CA ASP A 378 8.59 11.63 -16.40
C ASP A 378 8.27 10.27 -15.83
N CYS A 379 7.40 9.51 -16.50
CA CYS A 379 7.12 8.14 -16.08
C CYS A 379 8.32 7.24 -16.29
N ARG A 380 9.18 7.57 -17.25
CA ARG A 380 10.45 6.87 -17.40
C ARG A 380 11.36 7.15 -16.21
N ASP A 381 11.36 8.40 -15.72
CA ASP A 381 12.20 8.77 -14.59
C ASP A 381 11.68 8.18 -13.29
N ILE A 382 10.36 7.99 -13.18
CA ILE A 382 9.77 7.42 -11.98
C ILE A 382 10.11 5.95 -11.88
N ILE A 383 10.02 5.24 -12.99
CA ILE A 383 10.32 3.81 -13.04
C ILE A 383 11.81 3.57 -12.88
N GLN A 384 12.64 4.45 -13.46
CA GLN A 384 14.09 4.31 -13.33
C GLN A 384 14.54 4.57 -11.91
N ARG A 385 13.98 5.59 -11.25
CA ARG A 385 14.38 5.88 -9.88
C ARG A 385 13.86 4.84 -8.91
N MET A 386 12.79 4.12 -9.28
CA MET A 386 12.33 3.01 -8.47
C MET A 386 13.28 1.82 -8.58
N HIS A 387 13.82 1.60 -9.77
CA HIS A 387 14.73 0.48 -9.97
C HIS A 387 16.12 0.76 -9.42
N LEU A 388 16.45 2.02 -9.19
CA LEU A 388 17.69 2.32 -8.49
C LEU A 388 17.49 2.28 -6.98
N ARG A 389 16.26 2.44 -6.51
CA ARG A 389 16.00 2.30 -5.09
C ARG A 389 15.89 0.83 -4.69
N GLN A 390 15.57 -0.05 -5.63
CA GLN A 390 15.50 -1.46 -5.31
C GLN A 390 16.88 -2.08 -5.21
N TYR A 391 17.82 -1.60 -6.01
CA TYR A 391 19.22 -1.99 -5.92
C TYR A 391 19.99 -1.12 -4.94
N GLU A 392 19.31 -0.18 -4.29
CA GLU A 392 19.88 0.75 -3.31
C GLU A 392 21.01 1.58 -3.89
N LEU A 393 20.81 2.04 -5.12
CA LEU A 393 21.70 3.01 -5.74
C LEU A 393 21.16 4.42 -5.63
N LEU A 394 19.90 4.58 -5.24
CA LEU A 394 19.33 5.88 -4.93
C LEU A 394 18.59 5.84 -3.60
N GLU B 13 -33.30 33.39 6.94
CA GLU B 13 -32.85 32.75 8.18
C GLU B 13 -33.47 31.37 8.34
N LEU B 14 -32.84 30.56 9.19
CA LEU B 14 -33.29 29.19 9.42
C LEU B 14 -33.25 28.80 10.89
N ASP B 15 -33.08 29.76 11.81
CA ASP B 15 -32.98 29.47 13.23
C ASP B 15 -34.32 29.29 13.92
N GLN B 16 -35.44 29.37 13.18
CA GLN B 16 -36.73 29.03 13.76
C GLN B 16 -36.85 27.53 13.98
N LEU B 17 -36.04 26.74 13.28
CA LEU B 17 -36.01 25.30 13.40
C LEU B 17 -34.61 24.73 13.54
N ARG B 18 -33.57 25.56 13.44
CA ARG B 18 -32.22 25.06 13.68
C ARG B 18 -32.03 24.74 15.16
N GLN B 19 -32.43 25.66 16.04
CA GLN B 19 -32.35 25.41 17.47
C GLN B 19 -33.38 24.37 17.92
N GLU B 20 -34.44 24.18 17.12
CA GLU B 20 -35.34 23.04 17.33
C GLU B 20 -34.61 21.72 17.12
N ALA B 21 -33.62 21.70 16.23
CA ALA B 21 -32.88 20.46 16.00
C ALA B 21 -31.81 20.24 17.08
N GLU B 22 -31.38 21.31 17.76
CA GLU B 22 -30.48 21.11 18.89
C GLU B 22 -31.26 20.84 20.17
N GLN B 23 -32.46 21.42 20.31
CA GLN B 23 -33.25 21.13 21.50
C GLN B 23 -33.91 19.76 21.40
N LEU B 24 -34.06 19.23 20.19
CA LEU B 24 -34.41 17.82 20.05
C LEU B 24 -33.19 16.96 20.36
N LYS B 25 -32.00 17.46 20.04
CA LYS B 25 -30.77 16.71 20.29
C LYS B 25 -30.47 16.61 21.78
N ASN B 26 -30.90 17.60 22.56
CA ASN B 26 -30.71 17.53 24.01
C ASN B 26 -31.60 16.47 24.63
N GLN B 27 -32.86 16.40 24.20
CA GLN B 27 -33.79 15.52 24.89
C GLN B 27 -33.63 14.07 24.44
N ILE B 28 -32.96 13.84 23.30
CA ILE B 28 -32.54 12.49 22.95
C ILE B 28 -31.32 12.10 23.76
N ARG B 29 -30.47 13.06 24.08
CA ARG B 29 -29.18 12.79 24.72
C ARG B 29 -29.35 12.34 26.17
N ASP B 30 -30.21 13.00 26.93
CA ASP B 30 -30.44 12.56 28.29
C ASP B 30 -31.48 11.45 28.39
N ALA B 31 -32.23 11.20 27.31
CA ALA B 31 -33.03 9.99 27.25
C ALA B 31 -32.17 8.74 27.16
N ARG B 32 -30.95 8.88 26.62
CA ARG B 32 -29.97 7.82 26.69
C ARG B 32 -29.24 7.85 28.03
N LYS B 33 -29.11 9.02 28.65
CA LYS B 33 -28.54 9.09 29.99
C LYS B 33 -29.51 8.58 31.05
N ALA B 34 -30.81 8.64 30.79
CA ALA B 34 -31.77 7.98 31.65
C ALA B 34 -31.85 6.48 31.40
N CYS B 35 -31.21 5.99 30.33
CA CYS B 35 -31.21 4.58 30.02
C CYS B 35 -29.90 3.89 30.33
N ALA B 36 -28.84 4.65 30.60
CA ALA B 36 -27.55 4.07 30.94
C ALA B 36 -27.49 3.87 32.45
N ASP B 37 -28.19 2.83 32.92
CA ASP B 37 -28.16 2.52 34.35
C ASP B 37 -26.89 1.82 34.76
N ALA B 38 -26.26 1.09 33.85
CA ALA B 38 -24.95 0.51 34.08
C ALA B 38 -24.16 0.61 32.78
N THR B 39 -22.99 0.00 32.76
CA THR B 39 -22.22 -0.16 31.54
C THR B 39 -22.04 -1.65 31.27
N LEU B 40 -21.60 -1.96 30.04
CA LEU B 40 -21.33 -3.34 29.68
C LEU B 40 -20.15 -3.91 30.44
N SER B 41 -19.20 -3.07 30.84
CA SER B 41 -18.04 -3.55 31.57
C SER B 41 -18.39 -3.86 33.02
N GLN B 42 -19.37 -3.17 33.58
CA GLN B 42 -19.81 -3.49 34.93
C GLN B 42 -20.60 -4.78 34.98
N ILE B 43 -21.37 -5.06 33.93
CA ILE B 43 -22.14 -6.30 33.87
C ILE B 43 -21.22 -7.48 33.65
N THR B 44 -20.26 -7.35 32.74
CA THR B 44 -19.39 -8.44 32.35
C THR B 44 -18.01 -8.34 32.99
N ASN B 45 -17.93 -7.96 34.26
CA ASN B 45 -16.62 -8.00 34.92
C ASN B 45 -16.33 -9.38 35.49
N ASN B 46 -17.37 -10.08 35.95
CA ASN B 46 -17.21 -11.43 36.50
C ASN B 46 -17.22 -12.51 35.42
N ILE B 47 -17.42 -12.13 34.17
CA ILE B 47 -17.28 -13.08 33.06
C ILE B 47 -15.81 -13.43 32.90
N ASP B 48 -15.48 -14.70 33.11
CA ASP B 48 -14.11 -15.13 32.94
C ASP B 48 -13.75 -15.14 31.45
N PRO B 49 -12.57 -14.63 31.08
CA PRO B 49 -12.35 -14.16 29.71
C PRO B 49 -12.11 -15.30 28.72
N VAL B 50 -11.88 -14.90 27.48
CA VAL B 50 -11.63 -15.85 26.41
C VAL B 50 -10.30 -16.55 26.63
N GLY B 51 -9.27 -15.78 26.94
CA GLY B 51 -7.93 -16.31 27.04
C GLY B 51 -7.05 -15.66 26.00
N ARG B 52 -6.25 -16.46 25.32
CA ARG B 52 -5.33 -15.97 24.30
C ARG B 52 -5.68 -16.65 22.99
N ILE B 53 -6.27 -15.89 22.08
CA ILE B 53 -6.64 -16.41 20.78
C ILE B 53 -5.41 -16.41 19.88
N GLN B 54 -5.03 -17.59 19.41
CA GLN B 54 -3.83 -17.76 18.59
C GLN B 54 -4.23 -18.45 17.29
N MET B 55 -4.45 -17.66 16.25
CA MET B 55 -4.86 -18.14 14.95
C MET B 55 -3.67 -18.18 14.02
N ARG B 56 -3.47 -19.31 13.36
CA ARG B 56 -2.45 -19.45 12.35
C ARG B 56 -3.09 -19.31 10.98
N THR B 57 -2.34 -18.76 10.03
CA THR B 57 -2.85 -18.67 8.67
C THR B 57 -2.79 -20.05 8.01
N ARG B 58 -3.95 -20.66 7.80
CA ARG B 58 -4.00 -21.95 7.15
C ARG B 58 -3.65 -21.83 5.67
N ARG B 59 -4.29 -20.89 5.00
CA ARG B 59 -4.13 -20.70 3.57
C ARG B 59 -3.57 -19.33 3.27
N THR B 60 -3.14 -19.16 2.03
CA THR B 60 -2.73 -17.86 1.51
C THR B 60 -3.02 -17.93 0.02
N LEU B 61 -4.08 -17.27 -0.42
CA LEU B 61 -4.52 -17.33 -1.80
C LEU B 61 -3.76 -16.30 -2.61
N ARG B 62 -2.99 -16.77 -3.59
CA ARG B 62 -2.04 -15.96 -4.34
C ARG B 62 -2.45 -15.95 -5.82
N GLY B 63 -3.34 -15.04 -6.19
CA GLY B 63 -3.65 -14.89 -7.61
C GLY B 63 -3.96 -13.49 -8.10
N HIS B 64 -3.97 -12.52 -7.19
CA HIS B 64 -4.33 -11.16 -7.56
C HIS B 64 -3.08 -10.37 -7.88
N LEU B 65 -3.25 -9.29 -8.66
CA LEU B 65 -2.10 -8.49 -9.06
C LEU B 65 -2.02 -7.16 -8.34
N ALA B 66 -3.13 -6.62 -7.86
CA ALA B 66 -3.17 -5.33 -7.21
C ALA B 66 -3.80 -5.48 -5.83
N LYS B 67 -4.08 -4.35 -5.20
CA LYS B 67 -4.65 -4.36 -3.86
C LYS B 67 -6.09 -4.87 -3.86
N ILE B 68 -6.37 -5.79 -2.96
CA ILE B 68 -7.72 -6.34 -2.79
C ILE B 68 -8.51 -5.38 -1.91
N TYR B 69 -9.58 -4.80 -2.45
CA TYR B 69 -10.42 -3.95 -1.61
C TYR B 69 -11.52 -4.70 -0.88
N ALA B 70 -12.03 -5.80 -1.41
CA ALA B 70 -13.11 -6.49 -0.72
C ALA B 70 -13.13 -7.96 -1.08
N MET B 71 -13.48 -8.77 -0.09
CA MET B 71 -13.86 -10.15 -0.27
C MET B 71 -15.25 -10.37 0.30
N HIS B 72 -15.84 -11.51 -0.03
CA HIS B 72 -17.09 -11.93 0.59
C HIS B 72 -17.18 -13.44 0.54
N TRP B 73 -17.54 -14.04 1.67
CA TRP B 73 -17.68 -15.48 1.75
C TRP B 73 -18.98 -15.93 1.10
N GLY B 74 -19.09 -17.22 0.89
CA GLY B 74 -20.34 -17.83 0.50
C GLY B 74 -21.02 -18.43 1.71
N THR B 75 -22.34 -18.64 1.60
CA THR B 75 -23.08 -19.20 2.73
C THR B 75 -22.80 -20.67 2.94
N ASP B 76 -22.16 -21.35 1.99
CA ASP B 76 -21.65 -22.69 2.20
C ASP B 76 -20.32 -22.70 2.93
N SER B 77 -19.75 -21.51 3.20
CA SER B 77 -18.54 -21.30 3.98
C SER B 77 -17.30 -21.92 3.37
N ARG B 78 -17.32 -22.17 2.08
CA ARG B 78 -16.21 -22.79 1.38
C ARG B 78 -15.68 -21.95 0.24
N LEU B 79 -16.56 -21.32 -0.52
CA LEU B 79 -16.17 -20.44 -1.60
C LEU B 79 -16.17 -19.00 -1.12
N LEU B 80 -15.26 -18.20 -1.68
CA LEU B 80 -15.29 -16.78 -1.44
C LEU B 80 -14.90 -16.07 -2.72
N VAL B 81 -15.45 -14.89 -2.91
CA VAL B 81 -15.10 -14.01 -4.01
C VAL B 81 -14.16 -12.96 -3.45
N SER B 82 -13.28 -12.41 -4.27
CA SER B 82 -12.43 -11.31 -3.86
C SER B 82 -12.18 -10.41 -5.04
N ALA B 83 -12.33 -9.11 -4.84
CA ALA B 83 -12.16 -8.11 -5.88
C ALA B 83 -10.84 -7.40 -5.69
N SER B 84 -10.14 -7.13 -6.77
CA SER B 84 -8.90 -6.40 -6.71
C SER B 84 -8.90 -5.31 -7.76
N GLN B 85 -7.98 -4.36 -7.60
CA GLN B 85 -7.92 -3.21 -8.49
C GLN B 85 -7.20 -3.49 -9.80
N ASP B 86 -6.76 -4.72 -10.05
CA ASP B 86 -6.28 -5.11 -11.37
C ASP B 86 -7.41 -5.37 -12.35
N GLY B 87 -8.64 -5.46 -11.85
CA GLY B 87 -9.79 -5.76 -12.69
C GLY B 87 -10.18 -7.21 -12.62
N LYS B 88 -10.25 -7.77 -11.41
CA LYS B 88 -10.49 -9.20 -11.24
C LYS B 88 -11.50 -9.43 -10.14
N LEU B 89 -12.24 -10.53 -10.28
CA LEU B 89 -13.27 -10.94 -9.34
C LEU B 89 -13.14 -12.45 -9.10
N ILE B 90 -11.94 -12.89 -8.72
CA ILE B 90 -11.60 -14.30 -8.59
C ILE B 90 -12.43 -14.95 -7.48
N ILE B 91 -13.26 -15.92 -7.87
CA ILE B 91 -13.94 -16.79 -6.91
C ILE B 91 -13.01 -17.94 -6.57
N TRP B 92 -12.70 -18.09 -5.29
CA TRP B 92 -11.76 -19.09 -4.83
C TRP B 92 -12.49 -20.27 -4.23
N ASP B 93 -11.77 -21.36 -4.08
CA ASP B 93 -12.19 -22.48 -3.26
C ASP B 93 -11.23 -22.52 -2.09
N SER B 94 -11.71 -22.18 -0.89
CA SER B 94 -10.79 -21.97 0.21
C SER B 94 -10.23 -23.27 0.74
N TYR B 95 -10.94 -24.38 0.56
CA TYR B 95 -10.46 -25.67 1.06
C TYR B 95 -9.31 -26.18 0.21
N THR B 96 -9.36 -25.93 -1.10
CA THR B 96 -8.50 -26.56 -2.07
C THR B 96 -7.49 -25.57 -2.67
N THR B 97 -7.66 -24.28 -2.37
CA THR B 97 -6.89 -23.14 -2.92
C THR B 97 -7.00 -23.05 -4.44
N ASN B 98 -8.09 -23.56 -5.01
CA ASN B 98 -8.31 -23.51 -6.44
C ASN B 98 -9.14 -22.30 -6.78
N LYS B 99 -8.74 -21.57 -7.81
CA LYS B 99 -9.62 -20.56 -8.37
C LYS B 99 -10.72 -21.25 -9.14
N VAL B 100 -11.96 -21.03 -8.73
CA VAL B 100 -13.09 -21.57 -9.49
C VAL B 100 -13.34 -20.75 -10.74
N HIS B 101 -13.60 -19.46 -10.57
CA HIS B 101 -13.71 -18.51 -11.66
C HIS B 101 -12.68 -17.40 -11.46
N ALA B 102 -12.52 -16.58 -12.48
CA ALA B 102 -11.73 -15.36 -12.37
C ALA B 102 -12.34 -14.38 -13.36
N ILE B 103 -13.25 -13.55 -12.85
CA ILE B 103 -14.05 -12.69 -13.70
C ILE B 103 -13.29 -11.41 -14.01
N PRO B 104 -13.03 -11.10 -15.28
CA PRO B 104 -12.46 -9.79 -15.60
C PRO B 104 -13.54 -8.73 -15.59
N LEU B 105 -13.20 -7.58 -15.03
CA LEU B 105 -14.16 -6.50 -14.84
C LEU B 105 -13.91 -5.39 -15.85
N ARG B 106 -14.99 -4.71 -16.22
CA ARG B 106 -14.88 -3.62 -17.18
C ARG B 106 -14.16 -2.43 -16.59
N SER B 107 -14.41 -2.14 -15.32
CA SER B 107 -13.71 -1.10 -14.57
C SER B 107 -12.64 -1.74 -13.70
N SER B 108 -11.42 -1.22 -13.79
CA SER B 108 -10.36 -1.69 -12.91
C SER B 108 -10.59 -1.24 -11.48
N TRP B 109 -11.26 -0.11 -11.29
CA TRP B 109 -11.41 0.50 -9.97
C TRP B 109 -12.66 -0.06 -9.33
N VAL B 110 -12.48 -1.15 -8.60
CA VAL B 110 -13.57 -1.86 -7.96
C VAL B 110 -13.29 -1.92 -6.47
N MET B 111 -14.21 -1.36 -5.68
CA MET B 111 -14.02 -1.13 -4.27
C MET B 111 -14.88 -2.03 -3.41
N THR B 112 -15.74 -2.85 -4.01
CA THR B 112 -16.58 -3.75 -3.23
C THR B 112 -16.94 -4.96 -4.08
N CYS B 113 -17.42 -5.98 -3.39
CA CYS B 113 -17.87 -7.22 -4.02
C CYS B 113 -18.80 -7.92 -3.04
N ALA B 114 -19.70 -8.72 -3.59
CA ALA B 114 -20.62 -9.49 -2.77
C ALA B 114 -20.84 -10.83 -3.42
N TYR B 115 -21.38 -11.75 -2.64
CA TYR B 115 -21.69 -13.10 -3.07
C TYR B 115 -23.16 -13.33 -2.75
N ALA B 116 -23.89 -13.98 -3.64
CA ALA B 116 -25.30 -14.23 -3.38
C ALA B 116 -25.44 -15.31 -2.31
N PRO B 117 -26.46 -15.20 -1.46
CA PRO B 117 -26.68 -16.27 -0.46
C PRO B 117 -27.08 -17.59 -1.08
N SER B 118 -27.75 -17.55 -2.23
CA SER B 118 -27.99 -18.77 -3.00
C SER B 118 -26.71 -19.29 -3.62
N GLY B 119 -25.78 -18.40 -3.95
CA GLY B 119 -24.54 -18.77 -4.58
C GLY B 119 -24.52 -18.63 -6.07
N ASN B 120 -25.54 -18.05 -6.67
CA ASN B 120 -25.65 -18.00 -8.12
C ASN B 120 -25.01 -16.75 -8.71
N TYR B 121 -24.92 -15.66 -7.95
CA TYR B 121 -24.49 -14.39 -8.49
C TYR B 121 -23.36 -13.82 -7.64
N VAL B 122 -22.63 -12.89 -8.24
CA VAL B 122 -21.74 -12.01 -7.53
C VAL B 122 -21.99 -10.59 -8.03
N ALA B 123 -21.86 -9.64 -7.13
CA ALA B 123 -21.91 -8.23 -7.50
C ALA B 123 -20.55 -7.63 -7.29
N CYS B 124 -20.27 -6.56 -8.02
CA CYS B 124 -19.06 -5.79 -7.79
C CYS B 124 -19.31 -4.37 -8.29
N GLY B 125 -18.74 -3.41 -7.57
CA GLY B 125 -18.84 -2.03 -7.98
C GLY B 125 -17.65 -1.25 -7.48
N GLY B 126 -17.52 -0.03 -7.98
CA GLY B 126 -16.39 0.77 -7.58
C GLY B 126 -16.52 2.16 -8.11
N LEU B 127 -15.43 2.70 -8.65
CA LEU B 127 -15.40 4.09 -9.08
C LEU B 127 -16.07 4.32 -10.44
N ASP B 128 -16.73 3.32 -11.02
CA ASP B 128 -17.53 3.53 -12.22
C ASP B 128 -18.99 3.81 -11.89
N ASN B 129 -19.32 3.94 -10.60
CA ASN B 129 -20.64 4.26 -10.04
C ASN B 129 -21.68 3.20 -10.34
N ILE B 130 -21.28 1.98 -10.70
CA ILE B 130 -22.17 0.98 -11.26
C ILE B 130 -21.94 -0.33 -10.52
N CYS B 131 -23.02 -0.93 -10.03
CA CYS B 131 -22.98 -2.30 -9.54
C CYS B 131 -23.24 -3.25 -10.72
N SER B 132 -22.35 -4.21 -10.90
CA SER B 132 -22.46 -5.18 -11.99
C SER B 132 -22.71 -6.55 -11.39
N ILE B 133 -23.82 -7.17 -11.78
CA ILE B 133 -24.20 -8.49 -11.30
C ILE B 133 -23.73 -9.51 -12.31
N TYR B 134 -23.06 -10.57 -11.86
CA TYR B 134 -22.52 -11.59 -12.74
C TYR B 134 -23.17 -12.92 -12.43
N ASN B 135 -23.80 -13.52 -13.43
CA ASN B 135 -24.45 -14.81 -13.27
C ASN B 135 -23.38 -15.89 -13.35
N LEU B 136 -23.08 -16.53 -12.22
CA LEU B 136 -22.08 -17.59 -12.23
C LEU B 136 -22.63 -18.87 -12.84
N LYS B 137 -23.90 -19.15 -12.62
CA LYS B 137 -24.49 -20.45 -12.89
C LYS B 137 -25.16 -20.53 -14.24
N THR B 138 -24.60 -19.86 -15.24
CA THR B 138 -25.20 -19.82 -16.57
C THR B 138 -24.94 -21.15 -17.30
N ARG B 139 -25.62 -21.34 -18.42
CA ARG B 139 -25.50 -22.56 -19.23
C ARG B 139 -24.44 -22.44 -20.32
N GLU B 140 -23.59 -21.42 -20.27
CA GLU B 140 -22.55 -21.24 -21.26
C GLU B 140 -21.15 -21.55 -20.74
N GLY B 141 -20.98 -21.62 -19.42
CA GLY B 141 -19.66 -21.79 -18.83
C GLY B 141 -18.96 -20.47 -18.57
N ASN B 142 -18.95 -19.59 -19.58
CA ASN B 142 -18.37 -18.26 -19.42
C ASN B 142 -19.29 -17.40 -18.57
N VAL B 143 -18.74 -16.85 -17.48
CA VAL B 143 -19.50 -15.99 -16.59
C VAL B 143 -19.64 -14.62 -17.24
N ARG B 144 -20.88 -14.17 -17.42
CA ARG B 144 -21.16 -12.91 -18.07
C ARG B 144 -22.02 -12.05 -17.14
N VAL B 145 -22.11 -10.77 -17.49
CA VAL B 145 -22.81 -9.79 -16.66
C VAL B 145 -24.30 -10.05 -16.74
N SER B 146 -24.93 -10.24 -15.57
CA SER B 146 -26.38 -10.36 -15.53
C SER B 146 -27.06 -9.01 -15.69
N ARG B 147 -26.52 -7.97 -15.05
CA ARG B 147 -27.14 -6.67 -15.01
C ARG B 147 -26.09 -5.64 -14.62
N GLU B 148 -26.26 -4.41 -15.12
CA GLU B 148 -25.58 -3.24 -14.59
C GLU B 148 -26.61 -2.39 -13.89
N LEU B 149 -26.33 -2.01 -12.65
CA LEU B 149 -27.26 -1.22 -11.84
C LEU B 149 -26.70 0.19 -11.75
N ALA B 150 -27.04 1.03 -12.73
CA ALA B 150 -26.51 2.39 -12.84
C ALA B 150 -27.61 3.38 -12.48
N GLY B 151 -27.61 3.82 -11.24
CA GLY B 151 -28.42 4.96 -10.85
C GLY B 151 -27.72 5.78 -9.78
N HIS B 152 -26.53 5.34 -9.40
CA HIS B 152 -25.79 5.96 -8.31
C HIS B 152 -24.87 7.04 -8.88
N THR B 153 -24.84 8.18 -8.21
CA THR B 153 -23.78 9.16 -8.39
C THR B 153 -22.67 8.78 -7.44
N GLY B 154 -21.44 9.09 -7.79
CA GLY B 154 -20.34 8.76 -6.89
C GLY B 154 -19.99 7.29 -6.84
N TYR B 155 -18.83 6.97 -6.29
CA TYR B 155 -18.32 5.61 -6.26
C TYR B 155 -19.22 4.70 -5.44
N LEU B 156 -19.13 3.41 -5.69
CA LEU B 156 -19.91 2.43 -4.95
C LEU B 156 -19.02 1.82 -3.88
N SER B 157 -19.44 1.92 -2.63
CA SER B 157 -18.58 1.54 -1.53
C SER B 157 -18.93 0.20 -0.90
N CYS B 158 -20.17 -0.26 -1.02
CA CYS B 158 -20.56 -1.57 -0.52
C CYS B 158 -21.77 -2.04 -1.31
N CYS B 159 -22.01 -3.35 -1.26
CA CYS B 159 -23.17 -3.96 -1.86
C CYS B 159 -23.41 -5.28 -1.15
N ARG B 160 -24.67 -5.57 -0.84
CA ARG B 160 -25.00 -6.81 -0.16
C ARG B 160 -26.32 -7.33 -0.71
N PHE B 161 -26.32 -8.58 -1.17
CA PHE B 161 -27.52 -9.18 -1.72
C PHE B 161 -28.56 -9.42 -0.63
N LEU B 162 -29.83 -9.25 -0.98
CA LEU B 162 -30.92 -9.68 -0.12
C LEU B 162 -31.40 -11.08 -0.52
N ASP B 163 -31.60 -11.27 -1.82
CA ASP B 163 -31.84 -12.56 -2.44
C ASP B 163 -31.26 -12.46 -3.84
N ASP B 164 -31.68 -13.34 -4.75
CA ASP B 164 -31.18 -13.27 -6.11
C ASP B 164 -31.69 -12.06 -6.87
N ASN B 165 -32.73 -11.38 -6.37
CA ASN B 165 -33.35 -10.28 -7.09
C ASN B 165 -33.11 -8.92 -6.47
N GLN B 166 -32.87 -8.84 -5.17
CA GLN B 166 -32.73 -7.57 -4.48
C GLN B 166 -31.32 -7.43 -3.93
N ILE B 167 -30.72 -6.27 -4.14
CA ILE B 167 -29.41 -5.96 -3.59
C ILE B 167 -29.45 -4.54 -3.04
N VAL B 168 -28.90 -4.34 -1.84
CA VAL B 168 -28.74 -3.01 -1.29
C VAL B 168 -27.31 -2.56 -1.50
N THR B 169 -27.14 -1.36 -2.02
CA THR B 169 -25.84 -0.79 -2.33
C THR B 169 -25.70 0.56 -1.66
N SER B 170 -24.57 0.78 -1.00
CA SER B 170 -24.21 2.08 -0.48
C SER B 170 -23.24 2.74 -1.44
N SER B 171 -23.21 4.05 -1.45
CA SER B 171 -22.35 4.70 -2.43
C SER B 171 -21.69 5.97 -1.90
N GLY B 172 -21.03 6.68 -2.80
CA GLY B 172 -20.33 7.90 -2.47
C GLY B 172 -21.13 9.17 -2.58
N ASP B 173 -22.36 9.13 -3.09
CA ASP B 173 -23.25 10.29 -3.10
C ASP B 173 -24.10 10.37 -1.85
N THR B 174 -23.60 9.82 -0.73
CA THR B 174 -24.17 9.84 0.62
C THR B 174 -25.50 9.12 0.73
N THR B 175 -25.89 8.33 -0.27
CA THR B 175 -27.16 7.61 -0.25
C THR B 175 -26.93 6.12 -0.44
N CYS B 176 -27.75 5.32 0.24
CA CYS B 176 -27.88 3.91 -0.03
C CYS B 176 -29.10 3.68 -0.91
N ALA B 177 -29.20 2.49 -1.49
CA ALA B 177 -30.25 2.24 -2.46
C ALA B 177 -30.59 0.76 -2.47
N LEU B 178 -31.87 0.43 -2.52
CA LEU B 178 -32.33 -0.93 -2.69
C LEU B 178 -32.73 -1.13 -4.14
N TRP B 179 -32.11 -2.10 -4.79
CA TRP B 179 -32.27 -2.31 -6.22
C TRP B 179 -33.23 -3.45 -6.50
N ASP B 180 -33.57 -3.58 -7.77
CA ASP B 180 -34.31 -4.73 -8.27
C ASP B 180 -33.56 -5.17 -9.53
N ILE B 181 -32.97 -6.36 -9.47
CA ILE B 181 -32.00 -6.75 -10.50
C ILE B 181 -32.70 -7.06 -11.82
N GLU B 182 -33.88 -7.68 -11.79
CA GLU B 182 -34.56 -8.03 -13.03
C GLU B 182 -35.12 -6.79 -13.74
N THR B 183 -35.41 -5.73 -12.99
CA THR B 183 -35.88 -4.50 -13.59
C THR B 183 -34.71 -3.56 -13.89
N GLY B 184 -33.71 -3.56 -13.02
CA GLY B 184 -32.58 -2.68 -13.13
C GLY B 184 -32.73 -1.41 -12.32
N GLN B 185 -33.95 -1.01 -12.01
CA GLN B 185 -34.21 0.23 -11.33
C GLN B 185 -34.09 0.02 -9.82
N GLN B 186 -33.91 1.13 -9.10
CA GLN B 186 -33.82 1.06 -7.66
C GLN B 186 -35.21 1.25 -7.04
N THR B 187 -35.56 0.38 -6.11
CA THR B 187 -36.89 0.44 -5.52
C THR B 187 -36.98 1.52 -4.46
N THR B 188 -35.93 1.67 -3.66
CA THR B 188 -35.93 2.56 -2.51
C THR B 188 -34.57 3.22 -2.42
N THR B 189 -34.54 4.52 -2.13
CA THR B 189 -33.31 5.22 -1.81
C THR B 189 -33.35 5.62 -0.34
N PHE B 190 -32.22 5.46 0.33
CA PHE B 190 -32.09 5.71 1.76
C PHE B 190 -31.22 6.94 1.94
N THR B 191 -31.84 8.08 2.23
CA THR B 191 -31.13 9.33 2.38
C THR B 191 -31.05 9.72 3.85
N GLY B 192 -30.10 10.60 4.16
CA GLY B 192 -29.93 11.06 5.52
C GLY B 192 -28.49 11.23 5.93
N HIS B 193 -27.59 10.43 5.36
CA HIS B 193 -26.17 10.61 5.62
C HIS B 193 -25.69 11.88 4.95
N THR B 194 -24.82 12.62 5.64
CA THR B 194 -24.24 13.83 5.06
C THR B 194 -22.87 13.58 4.47
N GLY B 195 -22.11 12.63 5.00
CA GLY B 195 -20.92 12.14 4.36
C GLY B 195 -21.21 10.84 3.62
N ASP B 196 -20.26 10.45 2.78
CA ASP B 196 -20.50 9.33 1.89
C ASP B 196 -20.51 8.01 2.65
N VAL B 197 -21.45 7.14 2.27
CA VAL B 197 -21.68 5.92 3.02
C VAL B 197 -20.59 4.91 2.65
N MET B 198 -19.89 4.41 3.66
CA MET B 198 -18.69 3.63 3.41
C MET B 198 -18.91 2.13 3.51
N SER B 199 -19.79 1.68 4.39
CA SER B 199 -20.04 0.26 4.55
C SER B 199 -21.47 0.08 5.04
N LEU B 200 -22.05 -1.07 4.73
CA LEU B 200 -23.32 -1.47 5.30
C LEU B 200 -23.23 -2.92 5.76
N SER B 201 -24.24 -3.35 6.49
CA SER B 201 -24.31 -4.72 6.94
C SER B 201 -25.76 -5.05 7.22
N LEU B 202 -26.24 -6.14 6.66
CA LEU B 202 -27.63 -6.51 6.81
C LEU B 202 -27.87 -7.20 8.14
N ALA B 203 -29.08 -7.05 8.65
CA ALA B 203 -29.52 -7.81 9.79
C ALA B 203 -29.64 -9.28 9.40
N PRO B 204 -29.56 -10.20 10.37
CA PRO B 204 -29.76 -11.62 10.04
C PRO B 204 -31.14 -11.95 9.47
N ASP B 205 -32.17 -11.16 9.80
CA ASP B 205 -33.47 -11.30 9.16
C ASP B 205 -33.58 -10.51 7.86
N THR B 206 -32.61 -9.63 7.59
CA THR B 206 -32.55 -8.75 6.41
C THR B 206 -33.81 -7.89 6.27
N ARG B 207 -34.43 -7.53 7.39
CA ARG B 207 -35.45 -6.50 7.39
C ARG B 207 -34.89 -5.16 7.82
N LEU B 208 -33.66 -5.15 8.34
CA LEU B 208 -32.96 -3.94 8.70
C LEU B 208 -31.53 -4.02 8.18
N PHE B 209 -30.89 -2.87 8.09
CA PHE B 209 -29.46 -2.82 7.87
C PHE B 209 -28.93 -1.51 8.41
N VAL B 210 -27.72 -1.54 8.93
CA VAL B 210 -27.04 -0.36 9.38
C VAL B 210 -26.08 0.09 8.30
N SER B 211 -25.65 1.34 8.38
CA SER B 211 -24.73 1.89 7.40
C SER B 211 -23.90 2.97 8.04
N GLY B 212 -22.58 2.79 8.04
CA GLY B 212 -21.66 3.80 8.51
C GLY B 212 -21.24 4.70 7.38
N ALA B 213 -20.93 5.95 7.70
CA ALA B 213 -20.54 6.91 6.69
C ALA B 213 -19.42 7.78 7.21
N CYS B 214 -18.97 8.72 6.38
CA CYS B 214 -17.91 9.64 6.72
C CYS B 214 -18.40 10.86 7.48
N ASP B 215 -19.60 10.83 8.06
CA ASP B 215 -20.03 11.87 8.97
C ASP B 215 -19.93 11.43 10.42
N ALA B 216 -19.11 10.41 10.69
CA ALA B 216 -18.92 9.80 12.01
C ALA B 216 -20.23 9.31 12.61
N SER B 217 -21.12 8.80 11.76
CA SER B 217 -22.46 8.45 12.17
C SER B 217 -22.88 7.15 11.50
N ALA B 218 -23.73 6.39 12.19
CA ALA B 218 -24.25 5.12 11.69
C ALA B 218 -25.75 5.13 11.86
N LYS B 219 -26.47 4.91 10.77
CA LYS B 219 -27.92 4.96 10.76
C LYS B 219 -28.50 3.56 10.57
N LEU B 220 -29.65 3.32 11.18
CA LEU B 220 -30.35 2.05 11.07
C LEU B 220 -31.59 2.24 10.21
N TRP B 221 -31.66 1.49 9.11
CA TRP B 221 -32.69 1.66 8.11
C TRP B 221 -33.65 0.49 8.11
N ASP B 222 -34.93 0.78 7.94
CA ASP B 222 -35.89 -0.25 7.58
C ASP B 222 -35.84 -0.46 6.08
N VAL B 223 -35.72 -1.72 5.65
CA VAL B 223 -35.55 -1.98 4.22
C VAL B 223 -36.86 -1.83 3.47
N ARG B 224 -37.96 -2.31 4.05
CA ARG B 224 -39.22 -2.29 3.32
C ARG B 224 -39.98 -0.98 3.51
N GLU B 225 -39.86 -0.33 4.68
CA GLU B 225 -40.41 1.02 4.82
C GLU B 225 -39.55 2.05 4.08
N GLY B 226 -38.24 1.91 4.15
CA GLY B 226 -37.35 2.81 3.46
C GLY B 226 -36.91 4.02 4.23
N MET B 227 -37.19 4.07 5.52
CA MET B 227 -36.89 5.23 6.35
C MET B 227 -35.73 4.89 7.29
N CYS B 228 -35.11 5.94 7.83
CA CYS B 228 -34.15 5.76 8.89
C CYS B 228 -34.88 5.61 10.22
N ARG B 229 -34.51 4.59 10.98
CA ARG B 229 -35.11 4.38 12.29
C ARG B 229 -34.32 5.07 13.40
N GLN B 230 -33.05 4.72 13.54
CA GLN B 230 -32.21 5.23 14.60
C GLN B 230 -30.88 5.70 14.03
N THR B 231 -30.27 6.67 14.71
CA THR B 231 -28.98 7.23 14.32
C THR B 231 -28.03 7.12 15.51
N PHE B 232 -26.80 6.67 15.24
CA PHE B 232 -25.84 6.36 16.29
C PHE B 232 -24.59 7.21 16.07
N THR B 233 -24.42 8.25 16.88
CA THR B 233 -23.28 9.15 16.78
C THR B 233 -22.45 9.00 18.05
N GLY B 234 -21.40 8.19 17.97
CA GLY B 234 -20.50 8.01 19.09
C GLY B 234 -19.05 8.06 18.70
N HIS B 235 -18.78 8.04 17.39
CA HIS B 235 -17.42 8.02 16.90
C HIS B 235 -16.89 9.45 16.80
N GLU B 236 -15.71 9.59 16.22
CA GLU B 236 -15.12 10.90 15.96
C GLU B 236 -14.74 11.11 14.52
N SER B 237 -14.48 10.05 13.76
CA SER B 237 -14.04 10.19 12.38
C SER B 237 -14.84 9.29 11.45
N ASP B 238 -14.39 9.20 10.19
CA ASP B 238 -15.11 8.46 9.15
C ASP B 238 -15.19 6.99 9.45
N ILE B 239 -16.41 6.47 9.58
CA ILE B 239 -16.64 5.05 9.85
C ILE B 239 -16.38 4.26 8.57
N ASN B 240 -15.37 3.38 8.59
CA ASN B 240 -15.03 2.60 7.40
C ASN B 240 -15.70 1.24 7.36
N ALA B 241 -16.17 0.76 8.50
CA ALA B 241 -16.60 -0.63 8.62
C ALA B 241 -17.75 -0.72 9.59
N ILE B 242 -18.63 -1.69 9.34
CA ILE B 242 -19.77 -1.92 10.20
C ILE B 242 -20.16 -3.38 10.08
N CYS B 243 -20.73 -3.93 11.16
CA CYS B 243 -21.07 -5.34 11.22
C CYS B 243 -22.09 -5.55 12.32
N PHE B 244 -23.16 -6.29 12.02
CA PHE B 244 -24.12 -6.67 13.04
C PHE B 244 -23.58 -7.74 13.99
N PHE B 245 -24.09 -7.71 15.21
CA PHE B 245 -23.99 -8.84 16.12
C PHE B 245 -24.79 -10.00 15.54
N PRO B 246 -24.40 -11.25 15.84
CA PRO B 246 -25.17 -12.40 15.36
C PRO B 246 -26.59 -12.47 15.88
N ASN B 247 -26.89 -11.86 17.03
CA ASN B 247 -28.26 -11.76 17.49
C ASN B 247 -29.07 -10.78 16.66
N GLY B 248 -28.40 -9.81 16.03
CA GLY B 248 -29.08 -8.79 15.27
C GLY B 248 -29.63 -7.65 16.10
N ASN B 249 -29.31 -7.62 17.40
CA ASN B 249 -29.81 -6.58 18.29
C ASN B 249 -28.72 -5.58 18.67
N ALA B 250 -27.56 -5.66 18.01
CA ALA B 250 -26.47 -4.71 18.22
C ALA B 250 -25.59 -4.76 17.00
N PHE B 251 -24.68 -3.79 16.90
CA PHE B 251 -23.72 -3.80 15.80
C PHE B 251 -22.43 -3.13 16.24
N ALA B 252 -21.37 -3.37 15.48
CA ALA B 252 -20.06 -2.86 15.80
C ALA B 252 -19.49 -2.12 14.60
N THR B 253 -18.90 -0.97 14.85
CA THR B 253 -18.32 -0.13 13.81
C THR B 253 -16.81 -0.08 13.97
N GLY B 254 -16.18 0.65 13.06
CA GLY B 254 -14.76 0.93 13.14
C GLY B 254 -14.45 2.15 12.32
N SER B 255 -13.77 3.14 12.88
CA SER B 255 -13.56 4.38 12.17
C SER B 255 -12.10 4.74 12.13
N ASP B 256 -11.83 5.91 11.57
CA ASP B 256 -10.49 6.43 11.38
C ASP B 256 -9.87 7.01 12.65
N ASP B 257 -10.59 7.00 13.76
CA ASP B 257 -10.04 7.45 15.04
C ASP B 257 -9.49 6.31 15.86
N ALA B 258 -9.17 5.19 15.22
CA ALA B 258 -8.54 3.99 15.79
C ALA B 258 -9.36 3.35 16.89
N THR B 259 -10.68 3.53 16.89
CA THR B 259 -11.55 2.90 17.89
C THR B 259 -12.67 2.15 17.19
N CYS B 260 -12.93 0.93 17.66
CA CYS B 260 -14.16 0.23 17.37
C CYS B 260 -15.16 0.55 18.47
N ARG B 261 -16.43 0.49 18.13
CA ARG B 261 -17.47 0.74 19.12
C ARG B 261 -18.61 -0.24 18.90
N LEU B 262 -19.06 -0.86 19.98
CA LEU B 262 -20.23 -1.70 19.97
C LEU B 262 -21.45 -0.83 20.26
N PHE B 263 -22.30 -0.65 19.26
CA PHE B 263 -23.52 0.10 19.46
C PHE B 263 -24.63 -0.88 19.80
N ASP B 264 -25.86 -0.40 19.87
CA ASP B 264 -26.94 -1.21 20.43
C ASP B 264 -28.25 -0.69 19.91
N LEU B 265 -29.05 -1.54 19.28
CA LEU B 265 -30.26 -1.07 18.62
C LEU B 265 -31.36 -0.74 19.62
N ARG B 266 -31.41 -1.45 20.74
CA ARG B 266 -32.53 -1.30 21.66
C ARG B 266 -32.28 -0.23 22.70
N ALA B 267 -31.08 -0.16 23.25
CA ALA B 267 -30.74 0.92 24.18
C ALA B 267 -30.36 2.21 23.47
N ASP B 268 -30.11 2.13 22.16
CA ASP B 268 -29.89 3.28 21.27
C ASP B 268 -28.64 4.07 21.66
N GLN B 269 -27.60 3.36 22.08
CA GLN B 269 -26.37 4.01 22.52
C GLN B 269 -25.23 3.01 22.39
N GLU B 270 -24.01 3.53 22.35
CA GLU B 270 -22.84 2.67 22.37
C GLU B 270 -22.68 2.03 23.73
N LEU B 271 -22.26 0.77 23.73
CA LEU B 271 -22.07 0.03 24.96
C LEU B 271 -20.61 -0.05 25.36
N MET B 272 -19.70 -0.03 24.39
CA MET B 272 -18.32 -0.38 24.65
C MET B 272 -17.46 0.21 23.54
N THR B 273 -16.27 0.65 23.91
CA THR B 273 -15.25 1.13 22.98
C THR B 273 -14.05 0.19 23.06
N TYR B 274 -13.49 -0.14 21.91
CA TYR B 274 -12.38 -1.09 21.81
C TYR B 274 -11.14 -0.31 21.41
N SER B 275 -10.39 0.17 22.40
CA SER B 275 -9.30 1.09 22.17
C SER B 275 -8.02 0.53 22.77
N HIS B 276 -6.90 1.08 22.32
CA HIS B 276 -5.61 0.86 22.97
C HIS B 276 -4.74 2.07 22.71
N ASP B 277 -3.77 2.28 23.60
CA ASP B 277 -2.84 3.39 23.44
C ASP B 277 -1.88 3.15 22.30
N ASN B 278 -1.53 1.88 22.05
CA ASN B 278 -0.61 1.52 20.99
C ASN B 278 -1.26 1.49 19.62
N ILE B 279 -2.54 1.81 19.52
CA ILE B 279 -3.28 1.72 18.27
C ILE B 279 -3.71 3.14 17.89
N ILE B 280 -3.09 3.67 16.85
CA ILE B 280 -3.39 5.02 16.39
C ILE B 280 -3.64 4.99 14.88
N CYS B 281 -4.07 3.84 14.37
CA CYS B 281 -4.40 3.68 12.96
C CYS B 281 -5.85 3.25 12.82
N GLY B 282 -6.47 3.64 11.70
CA GLY B 282 -7.90 3.43 11.56
C GLY B 282 -8.25 1.98 11.27
N ILE B 283 -9.49 1.63 11.61
CA ILE B 283 -10.05 0.32 11.33
C ILE B 283 -10.60 0.33 9.92
N THR B 284 -10.31 -0.71 9.16
CA THR B 284 -10.82 -0.83 7.81
C THR B 284 -11.90 -1.90 7.64
N SER B 285 -12.02 -2.82 8.60
CA SER B 285 -12.92 -3.95 8.48
C SER B 285 -13.17 -4.53 9.86
N VAL B 286 -14.44 -4.80 10.17
CA VAL B 286 -14.80 -5.50 11.39
C VAL B 286 -15.65 -6.70 11.03
N SER B 287 -15.61 -7.71 11.88
CA SER B 287 -16.54 -8.82 11.85
C SER B 287 -16.63 -9.43 13.24
N PHE B 288 -17.65 -10.23 13.45
CA PHE B 288 -17.81 -10.98 14.68
C PHE B 288 -17.47 -12.44 14.43
N SER B 289 -17.37 -13.21 15.51
CA SER B 289 -17.29 -14.65 15.38
C SER B 289 -18.72 -15.19 15.22
N LYS B 290 -18.88 -16.51 15.30
CA LYS B 290 -20.21 -17.08 15.12
C LYS B 290 -21.12 -16.79 16.31
N SER B 291 -20.56 -16.74 17.51
CA SER B 291 -21.35 -16.42 18.70
C SER B 291 -21.35 -14.94 19.03
N GLY B 292 -20.41 -14.17 18.49
CA GLY B 292 -20.30 -12.77 18.79
C GLY B 292 -19.41 -12.43 19.96
N ARG B 293 -18.73 -13.43 20.54
CA ARG B 293 -17.81 -13.16 21.63
C ARG B 293 -16.54 -12.47 21.14
N LEU B 294 -16.10 -12.77 19.94
CA LEU B 294 -14.92 -12.12 19.38
C LEU B 294 -15.34 -11.07 18.36
N LEU B 295 -14.59 -9.97 18.35
CA LEU B 295 -14.74 -8.92 17.35
C LEU B 295 -13.41 -8.79 16.65
N LEU B 296 -13.36 -9.20 15.39
CA LEU B 296 -12.12 -9.16 14.63
C LEU B 296 -12.08 -7.88 13.82
N ALA B 297 -11.13 -7.01 14.14
CA ALA B 297 -11.03 -5.70 13.51
C ALA B 297 -9.74 -5.63 12.71
N GLY B 298 -9.85 -5.35 11.41
CA GLY B 298 -8.68 -5.17 10.58
C GLY B 298 -8.20 -3.72 10.65
N TYR B 299 -6.89 -3.54 10.64
CA TYR B 299 -6.30 -2.24 10.93
C TYR B 299 -5.39 -1.80 9.80
N ASP B 300 -4.90 -0.56 9.93
CA ASP B 300 -4.00 0.04 8.97
C ASP B 300 -2.53 -0.17 9.31
N ASP B 301 -2.21 -0.62 10.52
CA ASP B 301 -0.86 -1.07 10.84
C ASP B 301 -0.66 -2.54 10.52
N PHE B 302 -1.49 -3.08 9.62
CA PHE B 302 -1.37 -4.28 8.81
C PHE B 302 -1.76 -5.55 9.56
N ASN B 303 -2.24 -5.45 10.79
CA ASN B 303 -2.67 -6.65 11.49
C ASN B 303 -4.14 -6.53 11.90
N CYS B 304 -4.68 -7.60 12.46
CA CYS B 304 -6.10 -7.72 12.75
C CYS B 304 -6.28 -8.11 14.21
N ASN B 305 -6.50 -7.13 15.08
CA ASN B 305 -6.61 -7.39 16.50
C ASN B 305 -7.96 -8.00 16.85
N VAL B 306 -7.93 -9.15 17.49
CA VAL B 306 -9.13 -9.85 17.93
C VAL B 306 -9.52 -9.30 19.30
N TRP B 307 -10.74 -8.80 19.40
CA TRP B 307 -11.23 -8.17 20.62
C TRP B 307 -12.24 -9.07 21.30
N ASP B 308 -12.09 -9.25 22.61
CA ASP B 308 -13.16 -9.81 23.41
C ASP B 308 -14.31 -8.82 23.42
N ALA B 309 -15.41 -9.17 22.77
CA ALA B 309 -16.50 -8.22 22.57
C ALA B 309 -17.29 -7.91 23.85
N LEU B 310 -17.08 -8.66 24.92
CA LEU B 310 -17.74 -8.38 26.20
C LEU B 310 -16.80 -7.77 27.23
N LYS B 311 -15.52 -8.13 27.22
CA LYS B 311 -14.57 -7.62 28.21
C LYS B 311 -13.79 -6.41 27.74
N ALA B 312 -13.85 -6.10 26.44
CA ALA B 312 -13.18 -5.03 25.69
C ALA B 312 -11.67 -5.21 25.55
N ASP B 313 -11.08 -6.26 26.11
CA ASP B 313 -9.64 -6.42 26.03
C ASP B 313 -9.25 -7.29 24.84
N ARG B 314 -8.05 -7.05 24.33
CA ARG B 314 -7.59 -7.75 23.15
C ARG B 314 -7.20 -9.18 23.50
N ALA B 315 -7.68 -10.13 22.71
CA ALA B 315 -7.42 -11.54 22.96
C ALA B 315 -6.45 -12.15 21.96
N GLY B 316 -5.97 -11.38 20.99
CA GLY B 316 -5.07 -11.93 20.01
C GLY B 316 -4.80 -10.98 18.87
N VAL B 317 -3.74 -11.23 18.10
CA VAL B 317 -3.37 -10.43 16.95
C VAL B 317 -3.23 -11.35 15.75
N LEU B 318 -3.85 -11.00 14.64
CA LEU B 318 -3.69 -11.74 13.40
C LEU B 318 -2.67 -11.03 12.51
N ALA B 319 -1.41 -11.17 12.88
CA ALA B 319 -0.31 -10.46 12.22
C ALA B 319 0.30 -11.40 11.19
N GLY B 320 -0.10 -11.26 9.94
CA GLY B 320 0.54 -11.97 8.86
C GLY B 320 0.57 -11.23 7.55
N HIS B 321 0.11 -9.98 7.53
CA HIS B 321 -0.03 -9.23 6.30
C HIS B 321 1.07 -8.19 6.16
N ASP B 322 1.45 -7.91 4.93
CA ASP B 322 2.55 -7.01 4.63
C ASP B 322 2.11 -5.61 4.25
N ASN B 323 0.86 -5.43 3.86
CA ASN B 323 0.31 -4.10 3.63
C ASN B 323 -1.02 -3.98 4.34
N ARG B 324 -1.74 -2.89 4.07
CA ARG B 324 -2.92 -2.51 4.83
C ARG B 324 -4.04 -3.51 4.63
N VAL B 325 -4.60 -4.01 5.73
CA VAL B 325 -5.72 -4.94 5.65
C VAL B 325 -6.96 -4.17 5.24
N SER B 326 -7.56 -4.54 4.12
CA SER B 326 -8.68 -3.79 3.57
C SER B 326 -10.01 -4.48 3.76
N CYS B 327 -10.02 -5.77 4.05
CA CYS B 327 -11.25 -6.53 4.18
C CYS B 327 -11.02 -7.67 5.16
N LEU B 328 -12.11 -8.26 5.61
CA LEU B 328 -12.09 -9.26 6.67
C LEU B 328 -13.44 -9.95 6.69
N GLY B 329 -13.46 -11.27 6.71
CA GLY B 329 -14.72 -11.96 6.73
C GLY B 329 -14.70 -13.28 7.45
N VAL B 330 -15.61 -13.47 8.39
CA VAL B 330 -15.76 -14.71 9.13
C VAL B 330 -16.87 -15.52 8.48
N THR B 331 -16.67 -16.83 8.40
CA THR B 331 -17.58 -17.73 7.71
C THR B 331 -18.93 -17.81 8.41
N ASP B 332 -19.90 -18.38 7.71
CA ASP B 332 -21.23 -18.57 8.26
C ASP B 332 -21.34 -19.82 9.13
N ASP B 333 -20.29 -20.60 9.26
CA ASP B 333 -20.21 -21.61 10.32
C ASP B 333 -19.16 -21.29 11.36
N GLY B 334 -18.50 -20.14 11.25
CA GLY B 334 -17.57 -19.68 12.25
C GLY B 334 -16.24 -20.37 12.27
N MET B 335 -15.82 -20.95 11.15
CA MET B 335 -14.63 -21.79 11.13
C MET B 335 -13.43 -21.13 10.49
N ALA B 336 -13.57 -19.96 9.89
CA ALA B 336 -12.44 -19.33 9.22
C ALA B 336 -12.63 -17.83 9.23
N VAL B 337 -11.52 -17.12 9.08
CA VAL B 337 -11.47 -15.67 8.90
C VAL B 337 -10.60 -15.42 7.69
N ALA B 338 -11.17 -14.84 6.66
CA ALA B 338 -10.41 -14.58 5.44
C ALA B 338 -10.17 -13.09 5.35
N THR B 339 -8.94 -12.67 5.62
CA THR B 339 -8.55 -11.28 5.54
C THR B 339 -7.71 -11.05 4.30
N GLY B 340 -8.18 -10.18 3.41
CA GLY B 340 -7.37 -9.69 2.32
C GLY B 340 -6.65 -8.41 2.72
N SER B 341 -5.70 -8.00 1.90
CA SER B 341 -4.97 -6.79 2.20
C SER B 341 -4.48 -6.16 0.91
N TRP B 342 -3.69 -5.09 1.04
CA TRP B 342 -3.24 -4.33 -0.12
C TRP B 342 -2.01 -4.95 -0.79
N ASP B 343 -1.31 -5.85 -0.12
CA ASP B 343 -0.58 -6.87 -0.85
C ASP B 343 -1.58 -7.91 -1.30
N SER B 344 -1.42 -8.41 -2.51
CA SER B 344 -2.52 -9.10 -3.15
C SER B 344 -2.75 -10.53 -2.65
N PHE B 345 -2.89 -10.73 -1.34
CA PHE B 345 -3.01 -12.04 -0.74
C PHE B 345 -4.13 -12.06 0.27
N LEU B 346 -5.01 -13.04 0.13
CA LEU B 346 -5.99 -13.33 1.16
C LEU B 346 -5.51 -14.51 1.97
N LYS B 347 -5.62 -14.41 3.28
CA LYS B 347 -5.17 -15.45 4.18
C LYS B 347 -6.37 -15.95 4.96
N ILE B 348 -6.55 -17.26 4.97
CA ILE B 348 -7.58 -17.89 5.79
C ILE B 348 -6.94 -18.23 7.13
N TRP B 349 -7.50 -17.69 8.20
CA TRP B 349 -7.03 -17.90 9.55
C TRP B 349 -7.99 -18.86 10.25
N ASN B 350 -7.54 -19.41 11.37
CA ASN B 350 -8.33 -20.39 12.09
C ASN B 350 -7.91 -20.48 13.55
N THR C 6 -34.06 27.62 -1.94
CA THR C 6 -33.75 27.74 -0.52
C THR C 6 -33.67 26.37 0.13
N ALA C 7 -32.61 25.61 -0.19
CA ALA C 7 -32.39 24.32 0.44
C ALA C 7 -31.80 24.43 1.82
N SER C 8 -31.41 25.64 2.25
CA SER C 8 -30.89 25.86 3.60
C SER C 8 -31.96 25.62 4.66
N ILE C 9 -33.22 25.94 4.34
CA ILE C 9 -34.30 25.70 5.29
C ILE C 9 -35.01 24.38 5.00
N ALA C 10 -34.85 23.83 3.80
CA ALA C 10 -35.54 22.61 3.44
C ALA C 10 -34.78 21.37 3.90
N GLN C 11 -33.45 21.42 3.84
CA GLN C 11 -32.65 20.31 4.34
C GLN C 11 -32.71 20.26 5.85
N ALA C 12 -32.77 21.42 6.51
CA ALA C 12 -32.89 21.46 7.95
C ALA C 12 -34.31 21.23 8.44
N ARG C 13 -35.30 21.22 7.54
CA ARG C 13 -36.62 20.71 7.89
C ARG C 13 -36.63 19.20 7.92
N LYS C 14 -36.06 18.56 6.90
CA LYS C 14 -35.98 17.10 6.87
C LYS C 14 -35.01 16.58 7.91
N LEU C 15 -34.11 17.44 8.38
CA LEU C 15 -33.24 17.07 9.50
C LEU C 15 -33.99 17.09 10.82
N VAL C 16 -35.11 17.80 10.90
CA VAL C 16 -35.77 17.94 12.20
C VAL C 16 -37.02 17.07 12.29
N GLU C 17 -37.56 16.57 11.17
CA GLU C 17 -38.57 15.52 11.29
C GLU C 17 -37.92 14.19 11.61
N GLN C 18 -36.65 14.02 11.25
CA GLN C 18 -35.93 12.80 11.59
C GLN C 18 -35.68 12.72 13.09
N LEU C 19 -35.32 13.85 13.71
CA LEU C 19 -35.07 13.86 15.15
C LEU C 19 -36.36 13.74 15.94
N LYS C 20 -37.50 14.02 15.30
CA LYS C 20 -38.79 13.76 15.93
C LYS C 20 -39.13 12.28 15.95
N MET C 21 -38.92 11.56 14.84
CA MET C 21 -39.18 10.13 14.83
C MET C 21 -38.07 9.35 15.52
N GLU C 22 -36.90 9.96 15.68
CA GLU C 22 -35.85 9.36 16.51
C GLU C 22 -36.18 9.52 17.99
N ALA C 23 -37.05 10.47 18.32
CA ALA C 23 -37.36 10.75 19.72
C ALA C 23 -38.47 9.86 20.26
N ASN C 24 -39.53 9.61 19.48
CA ASN C 24 -40.71 8.94 19.98
C ASN C 24 -40.53 7.43 20.17
N ILE C 25 -39.38 6.87 19.80
CA ILE C 25 -39.06 5.48 20.10
C ILE C 25 -38.78 5.38 21.60
N ASP C 26 -38.86 4.17 22.14
CA ASP C 26 -38.62 3.94 23.56
C ASP C 26 -37.44 3.00 23.71
N ARG C 27 -36.45 3.43 24.48
CA ARG C 27 -35.22 2.69 24.68
C ARG C 27 -35.31 1.89 25.97
N ILE C 28 -34.73 0.69 25.96
CA ILE C 28 -34.60 -0.12 27.16
C ILE C 28 -33.30 0.27 27.85
N LYS C 29 -33.13 -0.20 29.09
CA LYS C 29 -31.93 0.15 29.84
C LYS C 29 -30.72 -0.60 29.31
N VAL C 30 -29.54 -0.05 29.59
CA VAL C 30 -28.28 -0.67 29.15
C VAL C 30 -28.03 -1.97 29.89
N SER C 31 -28.32 -2.00 31.20
CA SER C 31 -28.15 -3.20 32.01
C SER C 31 -29.04 -4.35 31.57
N LYS C 32 -30.19 -4.07 30.97
CA LYS C 32 -31.04 -5.12 30.42
C LYS C 32 -30.55 -5.58 29.05
N ALA C 33 -30.05 -4.65 28.24
CA ALA C 33 -29.57 -4.99 26.91
C ALA C 33 -28.18 -5.62 26.92
N ALA C 34 -27.32 -5.22 27.84
CA ALA C 34 -26.01 -5.85 27.97
C ALA C 34 -26.10 -7.25 28.54
N ALA C 35 -27.14 -7.56 29.29
CA ALA C 35 -27.36 -8.91 29.79
C ALA C 35 -27.96 -9.82 28.74
N ASP C 36 -28.42 -9.28 27.61
CA ASP C 36 -28.91 -10.11 26.51
C ASP C 36 -27.85 -10.31 25.44
N LEU C 37 -26.78 -9.52 25.48
CA LEU C 37 -25.61 -9.81 24.65
C LEU C 37 -24.61 -10.66 25.38
N MET C 38 -24.65 -10.64 26.71
CA MET C 38 -23.87 -11.57 27.51
C MET C 38 -24.51 -12.95 27.50
N ALA C 39 -25.82 -13.03 27.27
CA ALA C 39 -26.51 -14.31 27.28
C ALA C 39 -26.51 -14.95 25.89
N TYR C 40 -26.35 -14.16 24.83
CA TYR C 40 -26.22 -14.75 23.52
C TYR C 40 -24.86 -15.39 23.33
N CYS C 41 -23.82 -14.82 23.93
CA CYS C 41 -22.49 -15.35 23.75
C CYS C 41 -22.31 -16.67 24.50
N GLU C 42 -22.81 -16.74 25.73
CA GLU C 42 -22.64 -17.96 26.53
C GLU C 42 -23.56 -19.08 26.11
N ALA C 43 -24.65 -18.79 25.40
CA ALA C 43 -25.51 -19.83 24.88
C ALA C 43 -25.06 -20.35 23.53
N HIS C 44 -24.10 -19.68 22.90
CA HIS C 44 -23.57 -20.08 21.61
C HIS C 44 -22.06 -20.25 21.64
N ALA C 45 -21.46 -20.28 22.84
CA ALA C 45 -20.02 -20.47 22.96
C ALA C 45 -19.61 -21.90 22.64
N LYS C 46 -20.53 -22.85 22.74
CA LYS C 46 -20.25 -24.25 22.45
C LYS C 46 -20.28 -24.55 20.96
N GLU C 47 -20.57 -23.56 20.13
CA GLU C 47 -20.55 -23.70 18.68
C GLU C 47 -19.80 -22.54 18.04
N ASP C 48 -18.71 -22.12 18.66
CA ASP C 48 -17.82 -21.10 18.09
C ASP C 48 -16.46 -21.73 17.84
N PRO C 49 -16.15 -22.15 16.61
CA PRO C 49 -14.87 -22.81 16.35
C PRO C 49 -13.66 -21.88 16.37
N LEU C 50 -13.84 -20.57 16.42
CA LEU C 50 -12.73 -19.67 16.65
C LEU C 50 -12.44 -19.45 18.12
N LEU C 51 -13.42 -19.72 18.98
CA LEU C 51 -13.28 -19.62 20.42
C LEU C 51 -12.73 -20.91 21.01
N THR C 52 -13.46 -22.00 20.81
CA THR C 52 -13.00 -23.32 21.23
C THR C 52 -11.94 -23.83 20.27
N PRO C 53 -10.80 -24.31 20.77
CA PRO C 53 -9.79 -24.89 19.87
C PRO C 53 -10.29 -26.17 19.23
N VAL C 54 -10.48 -26.13 17.92
CA VAL C 54 -11.06 -27.24 17.18
C VAL C 54 -10.00 -28.32 17.00
N PRO C 55 -10.34 -29.60 17.17
CA PRO C 55 -9.37 -30.65 16.86
C PRO C 55 -9.11 -30.73 15.36
N ALA C 56 -7.91 -31.18 15.01
CA ALA C 56 -7.39 -31.01 13.66
C ALA C 56 -8.01 -31.95 12.64
N SER C 57 -8.79 -32.94 13.06
CA SER C 57 -9.38 -33.86 12.09
C SER C 57 -10.61 -33.26 11.40
N GLU C 58 -11.35 -32.39 12.10
CA GLU C 58 -12.57 -31.83 11.58
C GLU C 58 -12.43 -30.37 11.15
N ASN C 59 -11.31 -29.72 11.46
CA ASN C 59 -11.04 -28.41 10.91
C ASN C 59 -10.71 -28.57 9.43
N PRO C 60 -11.51 -28.04 8.51
CA PRO C 60 -11.35 -28.37 7.09
C PRO C 60 -10.18 -27.67 6.41
N PHE C 61 -9.46 -26.80 7.10
CA PHE C 61 -8.36 -26.06 6.51
C PHE C 61 -6.99 -26.57 6.96
N ARG C 62 -6.94 -27.72 7.63
CA ARG C 62 -5.70 -28.23 8.17
C ARG C 62 -4.76 -28.75 7.09
N GLN D 1 -20.45 12.90 19.65
CA GLN D 1 -20.81 13.60 18.43
C GLN D 1 -19.94 14.82 18.21
N VAL D 2 -19.31 14.89 17.04
CA VAL D 2 -18.44 16.01 16.69
C VAL D 2 -19.31 17.25 16.49
N GLN D 3 -19.25 18.18 17.45
CA GLN D 3 -19.88 19.48 17.33
C GLN D 3 -18.83 20.56 17.48
N LEU D 4 -18.95 21.60 16.67
CA LEU D 4 -17.99 22.70 16.63
C LEU D 4 -18.78 24.00 16.62
N GLN D 5 -18.86 24.69 17.75
CA GLN D 5 -19.64 25.92 17.88
C GLN D 5 -18.70 27.11 17.87
N GLU D 6 -18.56 27.76 16.71
CA GLU D 6 -17.71 28.94 16.61
C GLU D 6 -18.49 30.19 16.99
N SER D 7 -17.82 31.07 17.71
CA SER D 7 -18.40 32.24 18.36
C SER D 7 -17.76 33.49 17.76
N GLY D 8 -18.03 34.63 18.37
CA GLY D 8 -17.49 35.88 17.90
C GLY D 8 -18.23 36.36 16.66
N GLY D 9 -17.60 37.28 15.95
CA GLY D 9 -18.16 37.78 14.72
C GLY D 9 -18.92 39.07 14.93
N GLY D 10 -19.67 39.43 13.90
CA GLY D 10 -20.47 40.63 13.90
C GLY D 10 -19.93 41.66 12.94
N LEU D 11 -20.27 42.92 13.22
CA LEU D 11 -19.88 44.04 12.38
C LEU D 11 -18.68 44.74 13.00
N VAL D 12 -17.84 45.31 12.13
CA VAL D 12 -16.58 45.91 12.54
C VAL D 12 -16.24 47.01 11.54
N GLN D 13 -15.50 48.01 11.99
CA GLN D 13 -15.01 49.03 11.07
C GLN D 13 -13.77 48.53 10.34
N PRO D 14 -13.53 49.00 9.11
CA PRO D 14 -12.31 48.61 8.39
C PRO D 14 -11.05 49.09 9.08
N GLY D 15 -10.29 48.13 9.62
CA GLY D 15 -9.19 48.40 10.51
C GLY D 15 -9.40 47.89 11.90
N GLY D 16 -10.58 47.34 12.21
CA GLY D 16 -10.89 46.87 13.54
C GLY D 16 -10.35 45.48 13.80
N SER D 17 -10.78 44.90 14.92
CA SER D 17 -10.27 43.62 15.36
C SER D 17 -11.42 42.73 15.78
N LEU D 18 -11.17 41.41 15.75
CA LEU D 18 -12.14 40.43 16.22
C LEU D 18 -11.39 39.27 16.85
N ARG D 19 -12.14 38.41 17.54
CA ARG D 19 -11.57 37.22 18.18
C ARG D 19 -12.62 36.13 18.09
N LEU D 20 -12.49 35.26 17.08
CA LEU D 20 -13.44 34.19 16.87
C LEU D 20 -12.97 32.97 17.63
N SER D 21 -13.74 32.54 18.62
CA SER D 21 -13.49 31.28 19.30
C SER D 21 -14.18 30.15 18.58
N CYS D 22 -13.89 28.92 19.00
CA CYS D 22 -14.53 27.74 18.44
C CYS D 22 -14.48 26.64 19.50
N ALA D 23 -15.60 26.44 20.18
CA ALA D 23 -15.67 25.41 21.21
C ALA D 23 -15.93 24.06 20.55
N ALA D 24 -15.01 23.13 20.74
CA ALA D 24 -15.06 21.81 20.12
C ALA D 24 -15.64 20.80 21.09
N SER D 25 -16.45 19.89 20.57
CA SER D 25 -17.11 18.88 21.37
C SER D 25 -17.05 17.54 20.64
N GLY D 26 -16.98 16.47 21.42
CA GLY D 26 -17.16 15.13 20.90
C GLY D 26 -15.91 14.47 20.35
N PHE D 27 -14.75 15.08 20.50
CA PHE D 27 -13.49 14.50 20.03
C PHE D 27 -12.36 15.08 20.86
N THR D 28 -11.25 14.36 20.92
CA THR D 28 -10.07 14.85 21.61
C THR D 28 -9.42 15.92 20.74
N PHE D 29 -9.42 17.16 21.23
CA PHE D 29 -8.95 18.30 20.46
C PHE D 29 -7.46 18.24 20.14
N SER D 30 -6.69 17.50 20.94
CA SER D 30 -5.25 17.46 20.83
C SER D 30 -4.74 16.64 19.66
N ASN D 31 -5.57 15.80 19.06
CA ASN D 31 -5.12 14.88 18.04
C ASN D 31 -5.32 15.38 16.62
N TYR D 32 -6.00 16.51 16.44
CA TYR D 32 -6.48 16.93 15.14
C TYR D 32 -5.88 18.26 14.74
N LYS D 33 -5.47 18.35 13.48
CA LYS D 33 -5.15 19.62 12.88
C LYS D 33 -6.44 20.39 12.64
N MET D 34 -6.46 21.66 13.04
CA MET D 34 -7.67 22.47 12.95
C MET D 34 -7.45 23.61 11.96
N ASN D 35 -8.50 23.97 11.25
CA ASN D 35 -8.45 25.00 10.24
C ASN D 35 -9.47 26.08 10.54
N TRP D 36 -9.34 27.19 9.84
CA TRP D 36 -10.36 28.21 9.74
C TRP D 36 -10.65 28.39 8.27
N VAL D 37 -11.92 28.39 7.90
CA VAL D 37 -12.34 28.36 6.51
C VAL D 37 -13.44 29.40 6.37
N ARG D 38 -13.38 30.24 5.35
CA ARG D 38 -14.42 31.23 5.16
C ARG D 38 -15.10 31.06 3.81
N GLN D 39 -16.27 31.68 3.70
CA GLN D 39 -17.03 31.69 2.45
C GLN D 39 -17.56 33.10 2.23
N ALA D 40 -16.98 33.80 1.27
CA ALA D 40 -17.42 35.15 0.98
C ALA D 40 -18.80 35.14 0.33
N PRO D 41 -19.58 36.22 0.47
CA PRO D 41 -20.87 36.30 -0.22
C PRO D 41 -20.74 36.37 -1.73
N GLY D 42 -21.25 35.35 -2.42
CA GLY D 42 -21.11 35.24 -3.85
C GLY D 42 -19.95 34.39 -4.30
N LYS D 43 -19.18 33.82 -3.37
CA LYS D 43 -18.00 33.04 -3.66
C LYS D 43 -18.14 31.64 -3.10
N GLY D 44 -17.16 30.80 -3.38
CA GLY D 44 -17.05 29.49 -2.77
C GLY D 44 -16.27 29.57 -1.48
N LEU D 45 -16.02 28.41 -0.90
CA LEU D 45 -15.27 28.37 0.35
C LEU D 45 -13.79 28.42 0.08
N GLU D 46 -13.11 29.39 0.68
CA GLU D 46 -11.67 29.44 0.63
C GLU D 46 -11.10 29.19 2.01
N TRP D 47 -9.95 28.55 2.05
CA TRP D 47 -9.28 28.22 3.30
C TRP D 47 -8.49 29.43 3.77
N VAL D 48 -8.52 29.67 5.08
CA VAL D 48 -7.94 30.88 5.64
C VAL D 48 -6.65 30.55 6.38
N SER D 49 -6.75 29.71 7.39
CA SER D 49 -5.61 29.46 8.26
C SER D 49 -5.60 27.99 8.61
N ASP D 50 -4.70 27.63 9.51
CA ASP D 50 -4.38 26.25 9.83
C ASP D 50 -3.48 26.27 11.05
N ILE D 51 -3.56 25.22 11.86
CA ILE D 51 -2.66 25.08 12.99
C ILE D 51 -2.54 23.60 13.31
N SER D 52 -1.31 23.16 13.58
CA SER D 52 -1.05 21.76 13.84
C SER D 52 -1.60 21.35 15.21
N GLN D 53 -1.41 20.08 15.54
CA GLN D 53 -2.02 19.47 16.71
C GLN D 53 -1.40 19.91 18.02
N SER D 54 -0.27 20.60 17.98
CA SER D 54 0.36 21.17 19.15
C SER D 54 0.37 22.69 19.16
N GLY D 55 0.13 23.33 18.03
CA GLY D 55 0.35 24.74 17.89
C GLY D 55 1.66 25.12 17.27
N ALA D 56 2.38 24.16 16.69
CA ALA D 56 3.71 24.40 16.17
C ALA D 56 3.67 24.83 14.71
N SER D 57 3.11 23.99 13.84
CA SER D 57 3.01 24.30 12.42
C SER D 57 1.75 25.11 12.18
N ILE D 58 1.93 26.36 11.76
CA ILE D 58 0.84 27.31 11.60
C ILE D 58 0.93 27.89 10.20
N SER D 59 -0.16 27.85 9.45
CA SER D 59 -0.18 28.37 8.10
C SER D 59 -1.28 29.41 7.95
N TYR D 60 -1.12 30.28 6.96
CA TYR D 60 -2.14 31.25 6.62
C TYR D 60 -2.27 31.33 5.12
N THR D 61 -3.42 31.80 4.65
CA THR D 61 -3.52 32.16 3.26
C THR D 61 -2.83 33.50 3.04
N GLY D 62 -2.55 33.83 1.78
CA GLY D 62 -1.73 34.99 1.49
C GLY D 62 -2.41 36.31 1.79
N SER D 63 -3.73 36.36 1.66
CA SER D 63 -4.45 37.60 1.87
C SER D 63 -4.66 37.93 3.34
N VAL D 64 -4.40 37.01 4.26
CA VAL D 64 -4.58 37.25 5.68
C VAL D 64 -3.26 37.26 6.43
N LYS D 65 -2.15 37.02 5.76
CA LYS D 65 -0.88 36.81 6.45
C LYS D 65 -0.35 38.11 7.02
N GLY D 66 0.01 38.07 8.30
CA GLY D 66 0.48 39.24 9.01
C GLY D 66 -0.61 39.87 9.85
N ARG D 67 -1.81 39.93 9.30
CA ARG D 67 -2.96 40.53 9.97
C ARG D 67 -3.65 39.53 10.90
N PHE D 68 -3.86 38.32 10.43
CA PHE D 68 -4.58 37.31 11.19
C PHE D 68 -3.61 36.47 11.96
N THR D 69 -4.05 35.94 13.09
CA THR D 69 -3.28 34.90 13.76
C THR D 69 -4.24 33.82 14.23
N ILE D 70 -3.72 32.62 14.37
CA ILE D 70 -4.51 31.46 14.77
C ILE D 70 -3.91 30.92 16.05
N SER D 71 -4.76 30.31 16.87
CA SER D 71 -4.34 29.83 18.17
C SER D 71 -5.30 28.73 18.61
N ARG D 72 -4.76 27.77 19.35
CA ARG D 72 -5.59 26.73 19.96
C ARG D 72 -5.15 26.55 21.39
N ASP D 73 -6.09 26.08 22.22
CA ASP D 73 -5.83 25.76 23.62
C ASP D 73 -6.37 24.36 23.85
N ASN D 74 -5.47 23.36 23.82
CA ASN D 74 -5.90 21.98 23.96
C ASN D 74 -6.41 21.66 25.36
N ALA D 75 -6.10 22.49 26.36
CA ALA D 75 -6.62 22.29 27.70
C ALA D 75 -8.05 22.77 27.85
N LYS D 76 -8.47 23.78 27.09
CA LYS D 76 -9.85 24.24 27.13
C LYS D 76 -10.62 23.93 25.87
N ASN D 77 -10.01 23.18 24.94
CA ASN D 77 -10.66 22.66 23.72
C ASN D 77 -11.24 23.77 22.86
N THR D 78 -10.49 24.84 22.70
CA THR D 78 -10.98 26.03 22.01
C THR D 78 -9.95 26.44 20.98
N LEU D 79 -10.43 26.74 19.77
CA LEU D 79 -9.60 27.19 18.66
C LEU D 79 -9.91 28.64 18.38
N TYR D 80 -8.88 29.48 18.31
CA TYR D 80 -9.07 30.91 18.18
C TYR D 80 -8.59 31.42 16.84
N LEU D 81 -9.02 32.63 16.52
CA LEU D 81 -8.56 33.36 15.34
C LEU D 81 -8.69 34.84 15.64
N GLN D 82 -7.57 35.51 15.85
CA GLN D 82 -7.56 36.95 16.08
C GLN D 82 -7.40 37.64 14.75
N MET D 83 -8.36 38.49 14.38
CA MET D 83 -8.42 39.11 13.06
C MET D 83 -8.16 40.60 13.21
N ASN D 84 -6.89 40.97 13.25
CA ASN D 84 -6.51 42.38 13.38
C ASN D 84 -6.39 43.01 12.00
N SER D 85 -6.61 44.33 11.95
CA SER D 85 -6.50 45.16 10.74
C SER D 85 -7.41 44.64 9.63
N LEU D 86 -8.71 44.65 9.92
CA LEU D 86 -9.66 44.07 9.00
C LEU D 86 -9.93 44.98 7.81
N LYS D 87 -10.38 44.37 6.73
CA LYS D 87 -10.57 44.98 5.43
C LYS D 87 -11.99 44.72 4.95
N PRO D 88 -12.49 45.48 3.97
CA PRO D 88 -13.78 45.13 3.37
C PRO D 88 -13.78 43.83 2.60
N GLU D 89 -12.62 43.33 2.17
CA GLU D 89 -12.53 42.05 1.49
C GLU D 89 -12.61 40.87 2.43
N ASP D 90 -12.61 41.10 3.73
CA ASP D 90 -12.53 40.04 4.73
C ASP D 90 -13.89 39.64 5.27
N THR D 91 -14.98 40.23 4.78
CA THR D 91 -16.30 39.84 5.25
C THR D 91 -16.73 38.54 4.58
N ALA D 92 -17.10 37.57 5.41
CA ALA D 92 -17.44 36.22 4.98
C ALA D 92 -18.08 35.52 6.16
N VAL D 93 -18.52 34.29 5.94
CA VAL D 93 -18.95 33.41 7.03
C VAL D 93 -17.78 32.51 7.36
N TYR D 94 -17.28 32.61 8.59
CA TYR D 94 -16.05 31.95 9.00
C TYR D 94 -16.38 30.64 9.71
N TYR D 95 -15.93 29.53 9.13
CA TYR D 95 -16.17 28.21 9.66
C TYR D 95 -14.93 27.68 10.36
N CYS D 96 -15.16 26.85 11.36
CA CYS D 96 -14.09 26.23 12.15
C CYS D 96 -14.04 24.75 11.75
N ALA D 97 -13.32 24.46 10.69
CA ALA D 97 -13.28 23.11 10.13
C ALA D 97 -12.08 22.37 10.69
N ARG D 98 -12.26 21.09 10.99
CA ARG D 98 -11.14 20.27 11.40
C ARG D 98 -10.85 19.21 10.36
N CYS D 99 -9.65 18.69 10.42
CA CYS D 99 -9.24 17.66 9.50
C CYS D 99 -9.91 16.35 9.87
N PRO D 100 -10.21 15.49 8.88
CA PRO D 100 -11.09 14.34 9.15
C PRO D 100 -10.50 13.27 10.03
N ALA D 101 -9.19 13.11 10.05
CA ALA D 101 -8.58 12.02 10.80
C ALA D 101 -7.55 12.57 11.78
N PRO D 102 -7.34 11.90 12.91
CA PRO D 102 -6.27 12.34 13.81
C PRO D 102 -4.90 11.92 13.28
N PHE D 103 -3.88 12.63 13.77
CA PHE D 103 -2.46 12.34 13.53
C PHE D 103 -2.09 12.38 12.05
N THR D 104 -2.71 13.24 11.26
CA THR D 104 -2.43 13.33 9.85
C THR D 104 -1.98 14.73 9.47
N ARG D 105 -1.33 14.84 8.32
CA ARG D 105 -0.91 16.12 7.76
C ARG D 105 -1.69 16.51 6.51
N ASP D 106 -2.61 15.66 6.06
CA ASP D 106 -3.43 15.93 4.89
C ASP D 106 -4.87 16.20 5.29
N CYS D 107 -5.46 17.25 4.74
CA CYS D 107 -6.83 17.65 5.05
C CYS D 107 -7.59 17.94 3.76
N PHE D 108 -8.85 17.51 3.72
CA PHE D 108 -9.72 17.72 2.55
C PHE D 108 -11.04 18.33 3.05
N ASP D 109 -11.06 19.66 3.30
CA ASP D 109 -12.17 20.23 4.04
C ASP D 109 -12.61 21.63 3.57
N VAL D 110 -12.48 21.94 2.30
CA VAL D 110 -13.17 23.07 1.70
C VAL D 110 -14.01 22.52 0.55
N THR D 111 -15.23 22.11 0.87
CA THR D 111 -16.07 21.38 -0.07
C THR D 111 -17.42 22.05 -0.16
N SER D 112 -17.90 22.26 -1.40
CA SER D 112 -19.24 22.79 -1.60
C SER D 112 -20.28 21.83 -1.08
N THR D 113 -20.03 20.54 -1.25
CA THR D 113 -20.85 19.50 -0.60
C THR D 113 -20.60 19.52 0.91
N THR D 114 -21.43 18.80 1.63
CA THR D 114 -21.46 18.88 3.08
C THR D 114 -20.21 18.22 3.66
N TYR D 115 -19.26 19.03 4.11
CA TYR D 115 -18.20 18.52 4.94
C TYR D 115 -18.72 18.40 6.36
N ALA D 116 -18.44 17.27 7.00
CA ALA D 116 -19.13 16.92 8.22
C ALA D 116 -18.54 17.59 9.46
N TYR D 117 -17.21 17.68 9.53
CA TYR D 117 -16.52 18.15 10.72
C TYR D 117 -16.18 19.63 10.63
N ARG D 118 -17.15 20.47 10.30
CA ARG D 118 -17.03 21.90 10.43
C ARG D 118 -18.23 22.44 11.18
N GLY D 119 -18.14 23.67 11.61
CA GLY D 119 -19.25 24.28 12.29
C GLY D 119 -20.22 24.93 11.34
N GLN D 120 -21.33 25.41 11.91
CA GLN D 120 -22.34 26.11 11.13
C GLN D 120 -21.88 27.50 10.71
N GLY D 121 -20.86 28.04 11.36
CA GLY D 121 -20.26 29.28 10.95
C GLY D 121 -20.62 30.44 11.86
N THR D 122 -19.84 31.51 11.74
CA THR D 122 -20.19 32.79 12.32
C THR D 122 -20.02 33.85 11.25
N GLN D 123 -20.91 34.84 11.26
CA GLN D 123 -20.92 35.86 10.22
C GLN D 123 -20.07 37.04 10.63
N VAL D 124 -19.13 37.41 9.77
CA VAL D 124 -18.29 38.59 9.98
C VAL D 124 -18.59 39.58 8.88
N THR D 125 -19.06 40.77 9.26
CA THR D 125 -19.34 41.83 8.31
C THR D 125 -18.46 43.04 8.62
N VAL D 126 -18.36 43.93 7.64
CA VAL D 126 -17.62 45.17 7.84
C VAL D 126 -18.51 46.38 7.56
N PRO E 146 60.13 -14.11 1.83
CA PRO E 146 59.25 -14.53 0.74
C PRO E 146 58.04 -15.30 1.24
N GLU E 147 58.31 -16.41 1.92
CA GLU E 147 57.25 -17.28 2.42
C GLU E 147 56.46 -16.62 3.55
N GLU E 148 57.08 -15.68 4.28
CA GLU E 148 56.40 -14.99 5.37
C GLU E 148 55.30 -14.05 4.87
N GLN E 149 55.30 -13.71 3.58
CA GLN E 149 54.24 -12.90 2.97
C GLN E 149 53.35 -13.67 2.02
N LEU E 150 53.90 -14.60 1.24
CA LEU E 150 53.06 -15.33 0.28
C LEU E 150 52.22 -16.42 0.94
N LEU E 151 52.58 -16.85 2.15
CA LEU E 151 51.66 -17.64 2.94
C LEU E 151 50.53 -16.77 3.48
N PHE E 152 50.80 -15.48 3.72
CA PHE E 152 49.76 -14.58 4.21
C PHE E 152 48.78 -14.22 3.10
N LEU E 153 49.16 -14.48 1.85
CA LEU E 153 48.22 -14.27 0.72
C LEU E 153 47.36 -15.51 0.53
N TYR E 154 47.96 -16.69 0.59
CA TYR E 154 47.22 -17.97 0.42
C TYR E 154 46.19 -18.12 1.55
N ILE E 155 46.55 -17.75 2.79
CA ILE E 155 45.57 -17.82 3.92
C ILE E 155 44.39 -16.89 3.63
N ILE E 156 44.65 -15.67 3.13
CA ILE E 156 43.55 -14.73 2.80
C ILE E 156 42.67 -15.32 1.69
N TYR E 157 43.28 -15.92 0.67
CA TYR E 157 42.49 -16.51 -0.44
C TYR E 157 41.63 -17.66 0.09
N THR E 158 42.20 -18.47 0.97
CA THR E 158 41.46 -19.64 1.52
C THR E 158 40.43 -19.13 2.51
N VAL E 159 40.81 -18.20 3.39
CA VAL E 159 39.88 -17.74 4.46
C VAL E 159 38.95 -16.69 3.88
N GLY E 160 39.35 -16.02 2.80
CA GLY E 160 38.42 -15.11 2.16
C GLY E 160 37.28 -15.82 1.45
N TYR E 161 37.54 -17.04 0.99
CA TYR E 161 36.46 -17.84 0.43
C TYR E 161 35.71 -18.59 1.52
N ALA E 162 36.25 -18.63 2.74
CA ALA E 162 35.55 -19.27 3.83
C ALA E 162 34.47 -18.36 4.40
N LEU E 163 34.81 -17.10 4.67
CA LEU E 163 33.81 -16.14 5.14
C LEU E 163 32.86 -15.72 4.03
N SER E 164 33.26 -15.81 2.77
CA SER E 164 32.32 -15.58 1.68
C SER E 164 31.28 -16.67 1.64
N PHE E 165 31.72 -17.93 1.48
CA PHE E 165 30.81 -19.08 1.34
C PHE E 165 29.98 -19.30 2.59
N SER E 166 30.45 -18.89 3.76
CA SER E 166 29.59 -18.91 4.94
C SER E 166 28.48 -17.87 4.82
N ALA E 167 28.82 -16.66 4.38
CA ALA E 167 27.83 -15.60 4.26
C ALA E 167 26.94 -15.75 3.03
N LEU E 168 27.27 -16.63 2.10
CA LEU E 168 26.45 -16.86 0.93
C LEU E 168 25.43 -17.97 1.12
N VAL E 169 25.43 -18.64 2.26
CA VAL E 169 24.36 -19.55 2.64
C VAL E 169 23.35 -18.86 3.54
N ILE E 170 23.83 -18.01 4.44
CA ILE E 170 22.94 -17.16 5.24
C ILE E 170 22.21 -16.16 4.36
N ALA E 171 22.84 -15.68 3.29
CA ALA E 171 22.14 -14.83 2.35
C ALA E 171 21.27 -15.62 1.38
N SER E 172 21.53 -16.90 1.20
CA SER E 172 20.69 -17.73 0.35
C SER E 172 19.61 -18.49 1.12
N ALA E 173 19.62 -18.41 2.44
CA ALA E 173 18.51 -18.89 3.24
C ALA E 173 17.60 -17.76 3.69
N ILE E 174 18.12 -16.54 3.79
CA ILE E 174 17.27 -15.39 4.07
C ILE E 174 16.42 -15.05 2.85
N LEU E 175 17.03 -14.98 1.68
CA LEU E 175 16.31 -14.61 0.47
C LEU E 175 15.45 -15.75 -0.06
N LEU E 176 15.68 -16.99 0.38
CA LEU E 176 14.85 -18.10 -0.04
C LEU E 176 13.85 -18.55 1.02
N GLY E 177 14.16 -18.32 2.29
CA GLY E 177 13.21 -18.69 3.34
C GLY E 177 12.00 -17.78 3.37
N PHE E 178 12.24 -16.47 3.32
CA PHE E 178 11.16 -15.50 3.38
C PHE E 178 10.44 -15.47 2.04
N ARG E 179 9.15 -15.84 2.05
CA ARG E 179 8.38 -15.91 0.82
C ARG E 179 8.11 -14.53 0.23
N HIS E 180 8.10 -13.50 1.07
CA HIS E 180 7.84 -12.14 0.62
C HIS E 180 8.98 -11.58 -0.22
N LEU E 181 10.19 -12.11 -0.06
CA LEU E 181 11.37 -11.62 -0.77
C LEU E 181 11.59 -12.34 -2.10
N HIS E 182 10.53 -12.90 -2.70
CA HIS E 182 10.66 -13.68 -3.91
C HIS E 182 10.36 -12.82 -5.14
N CYS E 183 11.24 -11.85 -5.35
CA CYS E 183 11.18 -11.00 -6.53
C CYS E 183 11.74 -11.77 -7.73
N THR E 184 11.69 -11.16 -8.91
CA THR E 184 12.44 -11.69 -10.04
C THR E 184 13.85 -11.16 -10.10
N ARG E 185 14.28 -10.36 -9.13
CA ARG E 185 15.66 -9.94 -8.99
C ARG E 185 16.39 -10.62 -7.85
N ASN E 186 15.67 -11.04 -6.81
CA ASN E 186 16.29 -11.89 -5.80
C ASN E 186 16.50 -13.30 -6.33
N TYR E 187 15.74 -13.71 -7.34
CA TYR E 187 16.04 -14.95 -8.04
C TYR E 187 17.35 -14.84 -8.80
N ILE E 188 17.66 -13.64 -9.33
CA ILE E 188 18.94 -13.41 -9.97
C ILE E 188 20.04 -13.36 -8.92
N HIS E 189 19.73 -12.83 -7.73
CA HIS E 189 20.71 -12.82 -6.66
C HIS E 189 20.96 -14.22 -6.14
N LEU E 190 19.91 -15.02 -6.00
CA LEU E 190 20.04 -16.36 -5.44
C LEU E 190 20.83 -17.26 -6.37
N ASN E 191 20.61 -17.13 -7.67
CA ASN E 191 21.38 -17.90 -8.65
C ASN E 191 22.78 -17.35 -8.82
N LEU E 192 23.04 -16.13 -8.36
CA LEU E 192 24.40 -15.61 -8.34
C LEU E 192 25.11 -16.00 -7.06
N PHE E 193 24.38 -16.02 -5.94
CA PHE E 193 24.97 -16.49 -4.68
C PHE E 193 25.25 -17.98 -4.75
N ALA E 194 24.42 -18.73 -5.48
CA ALA E 194 24.67 -20.14 -5.71
C ALA E 194 25.77 -20.39 -6.72
N SER E 195 26.30 -19.33 -7.34
CA SER E 195 27.42 -19.39 -8.26
C SER E 195 28.71 -18.97 -7.60
N PHE E 196 28.62 -18.07 -6.62
CA PHE E 196 29.76 -17.75 -5.77
C PHE E 196 30.08 -18.88 -4.81
N ILE E 197 29.09 -19.74 -4.54
CA ILE E 197 29.27 -20.85 -3.61
C ILE E 197 30.05 -21.97 -4.27
N LEU E 198 29.65 -22.37 -5.48
CA LEU E 198 30.35 -23.45 -6.16
C LEU E 198 31.69 -22.99 -6.71
N ARG E 199 31.88 -21.67 -6.89
CA ARG E 199 33.23 -21.16 -7.08
C ARG E 199 34.05 -21.31 -5.81
N ALA E 200 33.43 -21.11 -4.65
CA ALA E 200 34.14 -21.23 -3.39
C ALA E 200 34.40 -22.68 -3.02
N LEU E 201 33.60 -23.62 -3.55
CA LEU E 201 33.86 -25.02 -3.30
C LEU E 201 35.06 -25.51 -4.10
N SER E 202 35.30 -24.90 -5.26
CA SER E 202 36.51 -25.22 -6.06
C SER E 202 37.76 -24.86 -5.24
N VAL E 203 37.74 -23.68 -4.62
CA VAL E 203 38.92 -23.21 -3.82
C VAL E 203 39.16 -24.20 -2.68
N PHE E 204 38.08 -24.64 -2.02
CA PHE E 204 38.22 -25.57 -0.87
C PHE E 204 38.87 -26.87 -1.37
N ILE E 205 38.42 -27.37 -2.53
CA ILE E 205 38.96 -28.63 -3.11
C ILE E 205 40.46 -28.50 -3.34
N LYS E 206 40.91 -27.49 -4.10
CA LYS E 206 42.34 -27.34 -4.45
C LYS E 206 43.16 -27.13 -3.18
N ASP E 207 42.67 -26.30 -2.26
CA ASP E 207 43.41 -26.04 -0.99
C ASP E 207 43.52 -27.34 -0.20
N ALA E 208 42.43 -28.11 -0.15
CA ALA E 208 42.44 -29.39 0.60
C ALA E 208 43.47 -30.32 -0.03
N ALA E 209 43.54 -30.35 -1.36
CA ALA E 209 44.50 -31.22 -2.07
C ALA E 209 45.92 -30.82 -1.71
N LEU E 210 46.21 -29.52 -1.66
CA LEU E 210 47.57 -29.03 -1.29
C LEU E 210 47.88 -29.48 0.14
N LYS E 211 46.90 -29.37 1.03
CA LYS E 211 47.10 -29.80 2.44
C LYS E 211 47.40 -31.30 2.46
N TRP E 212 46.68 -32.09 1.66
CA TRP E 212 46.87 -33.56 1.61
C TRP E 212 48.28 -33.89 1.13
N MET E 213 48.76 -33.18 0.11
CA MET E 213 50.14 -33.43 -0.39
C MET E 213 51.15 -33.13 0.72
N TYR E 214 50.94 -32.04 1.46
CA TYR E 214 51.91 -31.66 2.52
C TYR E 214 51.94 -32.72 3.62
N SER E 215 50.80 -32.93 4.30
CA SER E 215 50.71 -33.78 5.48
C SER E 215 50.91 -35.26 5.18
N THR E 216 50.37 -35.76 4.07
CA THR E 216 50.36 -37.19 3.80
C THR E 216 51.43 -37.63 2.81
N ALA E 217 51.49 -37.00 1.63
CA ALA E 217 52.40 -37.45 0.58
C ALA E 217 53.86 -37.05 0.81
N ALA E 218 54.16 -36.38 1.91
CA ALA E 218 55.54 -36.00 2.17
C ALA E 218 56.33 -37.13 2.82
N GLN E 219 55.85 -37.66 3.93
CA GLN E 219 56.58 -38.66 4.71
C GLN E 219 56.08 -40.08 4.52
N GLN E 220 54.84 -40.27 4.04
CA GLN E 220 54.38 -41.62 3.71
C GLN E 220 55.05 -42.14 2.45
N HIS E 221 55.37 -41.22 1.53
CA HIS E 221 56.15 -41.47 0.31
C HIS E 221 55.47 -42.49 -0.61
N GLN E 222 54.22 -42.20 -0.94
CA GLN E 222 53.49 -42.94 -1.95
C GLN E 222 52.77 -41.95 -2.85
N TRP E 223 52.92 -42.15 -4.17
CA TRP E 223 52.37 -41.25 -5.17
C TRP E 223 51.49 -41.95 -6.19
N ASP E 224 51.12 -43.19 -5.89
CA ASP E 224 50.35 -44.04 -6.84
C ASP E 224 48.95 -43.45 -7.01
N GLY E 225 48.28 -43.16 -5.88
CA GLY E 225 46.95 -42.54 -5.90
C GLY E 225 46.95 -41.26 -6.71
N LEU E 226 47.84 -40.33 -6.38
CA LEU E 226 47.87 -39.02 -7.09
C LEU E 226 48.15 -39.28 -8.58
N LEU E 227 49.12 -40.13 -8.88
CA LEU E 227 49.49 -40.39 -10.30
C LEU E 227 48.30 -41.03 -11.01
N SER E 228 47.65 -42.01 -10.38
CA SER E 228 46.53 -42.72 -11.04
C SER E 228 45.41 -41.72 -11.32
N TYR E 229 45.12 -40.86 -10.34
CA TYR E 229 44.04 -39.85 -10.50
C TYR E 229 44.42 -38.88 -11.63
N GLN E 230 45.67 -38.43 -11.68
CA GLN E 230 46.05 -37.41 -12.69
C GLN E 230 45.69 -37.91 -14.08
N ASP E 231 46.27 -39.04 -14.50
CA ASP E 231 45.96 -39.56 -15.82
C ASP E 231 44.79 -40.55 -15.77
N SER E 232 43.63 -40.01 -15.42
CA SER E 232 42.39 -40.78 -15.39
C SER E 232 41.24 -39.83 -15.66
N LEU E 233 40.09 -40.39 -16.06
CA LEU E 233 38.91 -39.58 -16.35
C LEU E 233 38.23 -39.05 -15.10
N SER E 234 38.88 -39.28 -13.96
CA SER E 234 38.68 -38.48 -12.71
C SER E 234 39.27 -37.06 -12.80
N CYS E 235 40.58 -36.91 -13.06
CA CYS E 235 41.21 -35.55 -13.03
C CYS E 235 40.53 -34.65 -14.05
N ARG E 236 40.36 -35.14 -15.28
CA ARG E 236 39.80 -34.27 -16.35
C ARG E 236 38.38 -33.87 -15.97
N LEU E 237 37.59 -34.81 -15.47
CA LEU E 237 36.17 -34.50 -15.16
C LEU E 237 36.14 -33.46 -14.05
N VAL E 238 36.95 -33.63 -13.01
CA VAL E 238 36.92 -32.69 -11.84
C VAL E 238 37.36 -31.32 -12.35
N PHE E 239 38.38 -31.29 -13.22
CA PHE E 239 38.90 -29.99 -13.72
C PHE E 239 37.82 -29.28 -14.53
N LEU E 240 37.11 -30.01 -15.38
CA LEU E 240 36.12 -29.33 -16.25
C LEU E 240 35.05 -28.72 -15.36
N LEU E 241 34.60 -29.50 -14.36
CA LEU E 241 33.53 -29.01 -13.46
C LEU E 241 34.06 -27.78 -12.70
N MET E 242 35.32 -27.82 -12.27
CA MET E 242 35.95 -26.69 -11.55
C MET E 242 36.01 -25.46 -12.46
N GLN E 243 36.33 -25.65 -13.74
CA GLN E 243 36.44 -24.51 -14.69
C GLN E 243 35.05 -24.06 -15.15
N TYR E 244 34.02 -24.89 -14.95
CA TYR E 244 32.66 -24.38 -15.07
C TYR E 244 32.27 -23.58 -13.85
N CYS E 245 32.82 -23.92 -12.69
CA CYS E 245 32.46 -23.22 -11.46
C CYS E 245 33.00 -21.81 -11.42
N VAL E 246 34.05 -21.51 -12.18
CA VAL E 246 34.58 -20.16 -12.26
C VAL E 246 34.04 -19.41 -13.48
N ALA E 247 33.51 -20.10 -14.48
CA ALA E 247 32.99 -19.44 -15.66
C ALA E 247 31.50 -19.17 -15.58
N ALA E 248 30.78 -19.90 -14.74
CA ALA E 248 29.40 -19.59 -14.42
C ALA E 248 29.29 -18.54 -13.33
N ASN E 249 30.42 -18.05 -12.83
CA ASN E 249 30.42 -16.87 -11.98
C ASN E 249 30.56 -15.59 -12.78
N TYR E 250 31.43 -15.58 -13.79
CA TYR E 250 31.57 -14.41 -14.64
C TYR E 250 30.36 -14.20 -15.54
N TYR E 251 29.49 -15.21 -15.68
CA TYR E 251 28.28 -15.05 -16.46
C TYR E 251 27.04 -14.93 -15.60
N TRP E 252 27.19 -15.00 -14.28
CA TRP E 252 26.10 -14.65 -13.37
C TRP E 252 26.32 -13.31 -12.71
N LEU E 253 27.49 -12.72 -12.87
CA LEU E 253 27.69 -11.30 -12.66
C LEU E 253 27.41 -10.50 -13.93
N LEU E 254 27.14 -11.18 -15.03
CA LEU E 254 26.81 -10.56 -16.31
C LEU E 254 25.32 -10.47 -16.53
N VAL E 255 24.57 -11.54 -16.29
CA VAL E 255 23.11 -11.45 -16.36
C VAL E 255 22.52 -10.90 -15.08
N GLU E 256 23.35 -10.56 -14.09
CA GLU E 256 23.00 -9.65 -13.03
C GLU E 256 23.27 -8.20 -13.43
N GLY E 257 24.16 -7.99 -14.39
CA GLY E 257 24.40 -6.68 -14.95
C GLY E 257 23.46 -6.32 -16.05
N VAL E 258 23.21 -7.24 -17.00
CA VAL E 258 22.28 -6.93 -18.10
C VAL E 258 20.84 -6.97 -17.63
N TYR E 259 20.56 -7.53 -16.45
CA TYR E 259 19.21 -7.42 -15.93
C TYR E 259 18.96 -6.03 -15.37
N LEU E 260 19.96 -5.44 -14.71
CA LEU E 260 19.81 -4.09 -14.19
C LEU E 260 19.80 -3.07 -15.30
N TYR E 261 20.49 -3.36 -16.41
CA TYR E 261 20.46 -2.43 -17.54
C TYR E 261 19.12 -2.45 -18.25
N THR E 262 18.46 -3.61 -18.28
CA THR E 262 17.15 -3.69 -18.95
C THR E 262 16.03 -3.30 -17.99
N LEU E 263 16.38 -2.96 -16.75
CA LEU E 263 15.41 -2.28 -15.89
C LEU E 263 15.46 -0.77 -16.12
N LEU E 264 16.64 -0.25 -16.43
CA LEU E 264 16.86 1.18 -16.54
C LEU E 264 16.81 1.69 -17.96
N ALA E 265 17.01 0.84 -18.96
CA ALA E 265 17.04 1.36 -20.33
C ALA E 265 15.89 0.83 -21.15
N PHE E 266 15.73 -0.49 -21.24
CA PHE E 266 14.74 -1.04 -22.16
C PHE E 266 13.34 -1.02 -21.56
N SER E 267 13.12 -1.78 -20.50
CA SER E 267 11.90 -1.88 -19.70
C SER E 267 10.64 -2.24 -20.50
N VAL E 268 10.77 -2.82 -21.68
CA VAL E 268 9.61 -3.29 -22.45
C VAL E 268 9.79 -4.76 -22.83
N PHE E 269 9.28 -5.64 -21.98
CA PHE E 269 9.57 -7.07 -22.05
C PHE E 269 8.51 -7.85 -21.30
N SER E 270 8.56 -9.17 -21.43
CA SER E 270 7.76 -10.04 -20.60
C SER E 270 8.64 -10.76 -19.59
N GLU E 271 8.34 -10.58 -18.30
CA GLU E 271 9.23 -11.07 -17.25
C GLU E 271 8.98 -12.55 -16.96
N GLN E 272 8.03 -13.16 -17.65
CA GLN E 272 7.86 -14.61 -17.58
C GLN E 272 8.97 -15.34 -18.32
N TRP E 273 9.29 -14.87 -19.52
CA TRP E 273 10.25 -15.57 -20.35
C TRP E 273 11.66 -15.01 -20.20
N ILE E 274 11.78 -13.72 -19.79
CA ILE E 274 13.10 -13.10 -19.74
C ILE E 274 13.88 -13.62 -18.54
N PHE E 275 13.18 -14.18 -17.54
CA PHE E 275 13.89 -14.78 -16.42
C PHE E 275 14.42 -16.16 -16.79
N ARG E 276 13.66 -16.90 -17.58
CA ARG E 276 14.11 -18.22 -18.02
C ARG E 276 15.21 -18.10 -19.07
N LEU E 277 15.35 -16.94 -19.68
CA LEU E 277 16.53 -16.66 -20.50
C LEU E 277 17.77 -16.47 -19.62
N TYR E 278 17.63 -15.74 -18.52
CA TYR E 278 18.79 -15.35 -17.74
C TYR E 278 19.36 -16.52 -16.95
N VAL E 279 18.54 -17.52 -16.65
CA VAL E 279 19.05 -18.75 -16.06
C VAL E 279 19.58 -19.71 -17.13
N SER E 280 19.46 -19.33 -18.40
CA SER E 280 20.04 -20.06 -19.51
C SER E 280 21.28 -19.37 -20.07
N ILE E 281 21.34 -18.05 -19.99
CA ILE E 281 22.58 -17.35 -20.33
C ILE E 281 23.56 -17.46 -19.17
N GLY E 282 23.07 -17.56 -17.95
CA GLY E 282 23.94 -17.65 -16.80
C GLY E 282 24.56 -19.03 -16.58
N TRP E 283 23.75 -20.08 -16.65
CA TRP E 283 24.24 -21.43 -16.40
C TRP E 283 24.52 -22.23 -17.66
N GLY E 284 23.89 -21.89 -18.78
CA GLY E 284 23.98 -22.73 -19.97
C GLY E 284 24.98 -22.24 -21.00
N VAL E 285 25.15 -20.93 -21.10
CA VAL E 285 26.14 -20.33 -22.00
C VAL E 285 27.57 -20.59 -21.52
N PRO E 286 27.89 -20.65 -20.21
CA PRO E 286 29.18 -21.24 -19.80
C PRO E 286 29.42 -22.66 -20.26
N LEU E 287 28.39 -23.47 -20.48
CA LEU E 287 28.60 -24.82 -20.97
C LEU E 287 29.02 -24.87 -22.44
N LEU E 288 28.81 -23.79 -23.20
CA LEU E 288 29.19 -23.77 -24.60
C LEU E 288 30.66 -23.46 -24.83
N PHE E 289 31.42 -23.08 -23.81
CA PHE E 289 32.84 -22.86 -23.98
C PHE E 289 33.68 -23.52 -22.90
N VAL E 290 33.11 -24.41 -22.11
CA VAL E 290 33.88 -25.28 -21.22
C VAL E 290 33.94 -26.70 -21.77
N VAL E 291 32.84 -27.18 -22.33
CA VAL E 291 32.79 -28.52 -22.91
C VAL E 291 33.54 -28.57 -24.24
N PRO E 292 33.48 -27.58 -25.15
CA PRO E 292 34.47 -27.55 -26.25
C PRO E 292 35.89 -27.34 -25.79
N TRP E 293 36.11 -26.79 -24.60
CA TRP E 293 37.46 -26.68 -24.08
C TRP E 293 37.94 -27.98 -23.47
N GLY E 294 37.03 -28.80 -22.94
CA GLY E 294 37.43 -30.10 -22.44
C GLY E 294 37.52 -31.14 -23.54
N ILE E 295 36.77 -30.93 -24.62
CA ILE E 295 36.87 -31.78 -25.80
C ILE E 295 38.23 -31.62 -26.45
N VAL E 296 38.72 -30.39 -26.58
CA VAL E 296 40.02 -30.17 -27.20
C VAL E 296 41.14 -30.53 -26.23
N LYS E 297 40.83 -30.58 -24.92
CA LYS E 297 41.83 -30.96 -23.94
C LYS E 297 42.11 -32.45 -23.97
N TYR E 298 41.07 -33.27 -24.09
CA TYR E 298 41.27 -34.71 -24.17
C TYR E 298 41.88 -35.10 -25.52
N LEU E 299 41.66 -34.29 -26.55
CA LEU E 299 42.23 -34.60 -27.86
C LEU E 299 43.65 -34.11 -27.99
N TYR E 300 43.93 -32.88 -27.53
CA TYR E 300 45.26 -32.31 -27.62
C TYR E 300 45.70 -31.80 -26.25
N GLU E 301 46.95 -32.11 -25.89
CA GLU E 301 47.58 -31.69 -24.62
C GLU E 301 46.78 -32.20 -23.42
N ASP E 302 46.73 -33.52 -23.26
CA ASP E 302 46.19 -34.13 -22.05
C ASP E 302 47.26 -34.85 -21.24
N GLU E 303 48.52 -34.46 -21.41
CA GLU E 303 49.63 -35.08 -20.69
C GLU E 303 49.55 -34.83 -19.19
N GLY E 304 48.83 -33.77 -18.80
CA GLY E 304 48.52 -33.51 -17.38
C GLY E 304 47.27 -32.67 -17.24
N CYS E 305 46.29 -33.10 -16.43
CA CYS E 305 45.00 -32.38 -16.38
C CYS E 305 45.17 -30.95 -15.83
N TRP E 306 45.88 -30.77 -14.72
CA TRP E 306 46.02 -29.42 -14.09
C TRP E 306 46.93 -28.48 -14.88
N THR E 307 48.03 -28.97 -15.43
CA THR E 307 49.03 -28.08 -16.09
C THR E 307 48.61 -27.69 -17.50
N ARG E 308 49.41 -26.82 -18.12
CA ARG E 308 49.36 -26.54 -19.54
C ARG E 308 50.76 -26.28 -20.09
N ASN E 309 50.83 -26.14 -21.41
CA ASN E 309 52.05 -25.70 -22.06
C ASN E 309 51.97 -24.21 -22.36
N SER E 310 52.93 -23.72 -23.15
CA SER E 310 52.93 -22.32 -23.55
C SER E 310 51.89 -22.05 -24.64
N ASN E 311 51.30 -23.12 -25.18
CA ASN E 311 50.33 -23.00 -26.26
C ASN E 311 49.05 -22.35 -25.78
N MET E 312 48.74 -21.17 -26.34
CA MET E 312 47.51 -20.46 -26.03
C MET E 312 46.67 -20.19 -27.27
N ASN E 313 46.81 -21.02 -28.30
CA ASN E 313 45.84 -20.99 -29.39
C ASN E 313 44.69 -21.96 -29.11
N TYR E 314 44.74 -22.64 -27.96
CA TYR E 314 43.56 -23.38 -27.49
C TYR E 314 42.99 -22.76 -26.23
N TRP E 315 43.63 -21.73 -25.69
CA TRP E 315 43.09 -21.04 -24.51
C TRP E 315 42.21 -19.87 -24.92
N LEU E 316 41.67 -19.90 -26.12
CA LEU E 316 40.68 -18.92 -26.57
C LEU E 316 39.28 -19.43 -26.28
N ILE E 317 39.17 -20.50 -25.49
CA ILE E 317 37.88 -21.06 -25.16
C ILE E 317 37.45 -20.77 -23.73
N ILE E 318 38.39 -20.59 -22.80
CA ILE E 318 38.07 -20.22 -21.43
C ILE E 318 38.32 -18.73 -21.18
N ARG E 319 39.52 -18.25 -21.52
CA ARG E 319 39.88 -16.89 -21.14
C ARG E 319 39.14 -15.85 -21.98
N LEU E 320 38.96 -16.11 -23.27
CA LEU E 320 38.35 -15.12 -24.15
C LEU E 320 36.83 -14.98 -23.98
N PRO E 321 36.00 -16.06 -23.81
CA PRO E 321 34.60 -15.81 -23.48
C PRO E 321 34.38 -15.28 -22.07
N ILE E 322 35.36 -15.47 -21.18
CA ILE E 322 35.25 -14.91 -19.84
C ILE E 322 35.54 -13.41 -19.87
N LEU E 323 36.64 -13.00 -20.53
CA LEU E 323 36.98 -11.58 -20.53
C LEU E 323 36.10 -10.78 -21.50
N PHE E 324 35.25 -11.44 -22.28
CA PHE E 324 34.17 -10.73 -22.94
C PHE E 324 33.12 -10.32 -21.92
N ALA E 325 32.79 -11.21 -20.98
CA ALA E 325 31.82 -10.91 -19.94
C ALA E 325 32.33 -9.93 -18.90
N ILE E 326 33.63 -9.66 -18.87
CA ILE E 326 34.17 -8.60 -18.04
C ILE E 326 34.14 -7.32 -18.85
N GLY E 327 34.21 -7.45 -20.16
CA GLY E 327 34.13 -6.31 -21.04
C GLY E 327 32.74 -5.80 -21.30
N VAL E 328 31.72 -6.49 -20.83
CA VAL E 328 30.36 -6.01 -20.88
C VAL E 328 29.88 -5.50 -19.53
N ASN E 329 30.33 -6.11 -18.43
CA ASN E 329 30.02 -5.62 -17.10
C ASN E 329 30.77 -4.34 -16.75
N PHE E 330 31.66 -3.87 -17.60
CA PHE E 330 32.17 -2.52 -17.46
C PHE E 330 31.35 -1.53 -18.27
N LEU E 331 30.84 -1.95 -19.43
CA LEU E 331 30.01 -1.05 -20.23
C LEU E 331 28.64 -0.85 -19.60
N ILE E 332 28.15 -1.85 -18.87
CA ILE E 332 26.96 -1.63 -18.06
C ILE E 332 27.31 -0.81 -16.83
N PHE E 333 28.53 -0.95 -16.33
CA PHE E 333 28.95 -0.16 -15.16
C PHE E 333 29.03 1.32 -15.50
N VAL E 334 29.55 1.66 -16.69
CA VAL E 334 29.63 3.07 -17.07
C VAL E 334 28.38 3.56 -17.77
N ARG E 335 27.33 2.75 -17.83
CA ARG E 335 26.02 3.22 -18.26
C ARG E 335 25.06 3.39 -17.09
N VAL E 336 25.19 2.56 -16.06
CA VAL E 336 24.39 2.73 -14.87
C VAL E 336 24.92 3.90 -14.03
N ILE E 337 26.23 4.13 -14.05
CA ILE E 337 26.80 5.23 -13.28
C ILE E 337 26.43 6.57 -13.91
N CYS E 338 26.43 6.67 -15.24
CA CYS E 338 25.96 7.89 -15.88
C CYS E 338 24.45 8.09 -15.75
N ILE E 339 23.71 7.04 -15.43
CA ILE E 339 22.29 7.19 -15.11
C ILE E 339 22.14 7.73 -13.69
N VAL E 340 22.96 7.25 -12.76
CA VAL E 340 22.86 7.66 -11.36
C VAL E 340 23.29 9.13 -11.20
N VAL E 341 24.31 9.56 -11.92
CA VAL E 341 24.67 10.97 -11.86
C VAL E 341 23.66 11.83 -12.60
N SER E 342 22.90 11.26 -13.54
CA SER E 342 21.79 11.98 -14.15
C SER E 342 20.60 12.09 -13.21
N LYS E 343 20.46 11.15 -12.28
CA LYS E 343 19.45 11.26 -11.23
C LYS E 343 19.90 12.18 -10.11
N LEU E 344 21.18 12.54 -10.07
CA LEU E 344 21.67 13.48 -9.08
C LEU E 344 21.88 14.87 -9.66
N LYS E 345 21.67 15.05 -10.97
CA LYS E 345 21.50 16.36 -11.57
C LYS E 345 20.03 16.75 -11.59
N ALA E 346 19.37 16.63 -10.43
CA ALA E 346 17.97 16.93 -10.28
C ALA E 346 17.67 17.18 -8.80
N ASP E 353 27.27 17.46 -2.61
CA ASP E 353 26.98 16.41 -1.64
C ASP E 353 26.88 15.08 -2.37
N ILE E 354 26.81 15.15 -3.70
CA ILE E 354 26.79 13.92 -4.48
C ILE E 354 28.16 13.25 -4.53
N LYS E 355 29.24 13.97 -4.20
CA LYS E 355 30.54 13.35 -4.12
C LYS E 355 30.65 12.39 -2.95
N CYS E 356 29.95 12.68 -1.85
CA CYS E 356 29.83 11.77 -0.74
C CYS E 356 28.70 10.77 -0.93
N ARG E 357 27.92 10.94 -2.00
CA ARG E 357 26.78 10.07 -2.30
C ARG E 357 27.06 9.10 -3.44
N LEU E 358 27.80 9.53 -4.46
CA LEU E 358 28.27 8.62 -5.50
C LEU E 358 29.29 7.63 -4.99
N ALA E 359 29.94 7.91 -3.85
CA ALA E 359 30.88 6.97 -3.27
C ALA E 359 30.18 5.78 -2.61
N LYS E 360 28.86 5.83 -2.44
CA LYS E 360 28.15 4.65 -1.98
C LYS E 360 27.62 3.84 -3.17
N SER E 361 26.99 4.50 -4.14
CA SER E 361 26.38 3.79 -5.25
C SER E 361 27.39 3.26 -6.26
N THR E 362 28.65 3.67 -6.19
CA THR E 362 29.69 3.09 -7.03
C THR E 362 30.34 1.88 -6.36
N LEU E 363 30.61 1.98 -5.06
CA LEU E 363 31.15 0.85 -4.31
C LEU E 363 30.11 -0.22 -4.02
N THR E 364 28.83 0.08 -4.20
CA THR E 364 27.79 -0.95 -4.16
C THR E 364 27.75 -1.73 -5.46
N LEU E 365 27.90 -1.03 -6.58
CA LEU E 365 27.84 -1.64 -7.91
C LEU E 365 29.08 -2.41 -8.27
N ILE E 366 30.18 -2.23 -7.56
CA ILE E 366 31.43 -2.89 -7.92
C ILE E 366 31.45 -4.39 -7.63
N PRO E 367 31.02 -4.88 -6.45
CA PRO E 367 30.99 -6.34 -6.29
C PRO E 367 29.90 -7.03 -7.08
N LEU E 368 28.77 -6.37 -7.32
CA LEU E 368 27.64 -7.00 -8.01
C LEU E 368 27.96 -7.26 -9.47
N LEU E 369 28.78 -6.42 -10.09
CA LEU E 369 29.13 -6.59 -11.48
C LEU E 369 30.52 -7.18 -11.70
N GLY E 370 31.37 -7.16 -10.67
CA GLY E 370 32.72 -7.67 -10.83
C GLY E 370 33.58 -6.71 -11.61
N THR E 371 33.47 -5.42 -11.28
CA THR E 371 34.17 -4.37 -12.00
C THR E 371 35.62 -4.24 -11.57
N HIS E 372 35.98 -4.80 -10.41
CA HIS E 372 37.34 -4.68 -9.90
C HIS E 372 38.37 -5.46 -10.72
N GLU E 373 37.92 -6.37 -11.59
CA GLU E 373 38.87 -7.01 -12.50
C GLU E 373 39.39 -6.02 -13.54
N VAL E 374 38.56 -5.07 -13.96
CA VAL E 374 39.00 -4.07 -14.93
C VAL E 374 39.83 -2.99 -14.25
N ILE E 375 39.47 -2.63 -13.02
CA ILE E 375 40.21 -1.60 -12.30
C ILE E 375 41.60 -2.09 -11.92
N PHE E 376 41.71 -3.34 -11.50
CA PHE E 376 43.00 -3.92 -11.15
C PHE E 376 43.83 -4.27 -12.37
N ALA E 377 43.26 -4.18 -13.57
CA ALA E 377 44.02 -4.45 -14.79
C ALA E 377 44.53 -3.20 -15.45
N PHE E 378 44.15 -2.02 -14.96
CA PHE E 378 44.57 -0.75 -15.56
C PHE E 378 45.41 0.11 -14.62
N VAL E 379 45.08 0.15 -13.33
CA VAL E 379 45.86 0.98 -12.42
C VAL E 379 46.89 0.18 -11.64
N MET E 380 46.77 -1.14 -11.60
CA MET E 380 47.68 -2.00 -10.85
C MET E 380 48.66 -2.72 -11.78
N ASP E 381 49.09 -2.03 -12.84
CA ASP E 381 50.03 -2.61 -13.79
C ASP E 381 51.39 -2.73 -13.14
N GLU E 382 52.02 -1.58 -12.83
CA GLU E 382 53.27 -1.47 -12.09
C GLU E 382 54.38 -2.29 -12.75
N HIS E 383 54.77 -1.83 -13.95
CA HIS E 383 55.63 -2.45 -14.96
C HIS E 383 54.97 -3.67 -15.64
N ALA E 384 53.72 -3.99 -15.27
CA ALA E 384 52.96 -5.16 -15.70
C ALA E 384 53.69 -6.48 -15.48
N ARG E 385 54.57 -6.53 -14.47
CA ARG E 385 55.30 -7.73 -14.08
C ARG E 385 55.25 -7.88 -12.55
N GLY E 386 56.06 -8.76 -12.00
CA GLY E 386 56.26 -8.81 -10.56
C GLY E 386 57.51 -8.07 -10.16
N THR E 387 57.35 -6.81 -9.72
CA THR E 387 58.48 -5.93 -9.43
C THR E 387 58.22 -5.18 -8.14
N LEU E 388 59.12 -5.37 -7.17
CA LEU E 388 59.25 -4.52 -5.95
C LEU E 388 57.86 -4.21 -5.38
N ARG E 389 57.00 -5.23 -5.27
CA ARG E 389 55.67 -5.00 -4.75
C ARG E 389 55.28 -6.07 -3.74
N PHE E 390 54.23 -5.76 -2.98
CA PHE E 390 53.50 -6.67 -2.12
C PHE E 390 51.99 -6.56 -2.32
N ILE E 391 51.48 -5.35 -2.58
CA ILE E 391 50.05 -5.09 -2.57
C ILE E 391 49.45 -5.03 -3.97
N LYS E 392 50.26 -5.24 -5.00
CA LYS E 392 49.72 -5.39 -6.35
C LYS E 392 48.97 -6.70 -6.49
N LEU E 393 49.60 -7.80 -6.06
CA LEU E 393 48.94 -9.10 -6.11
C LEU E 393 48.07 -9.35 -4.90
N PHE E 394 48.22 -8.57 -3.83
CA PHE E 394 47.45 -8.82 -2.61
C PHE E 394 45.99 -8.42 -2.77
N THR E 395 45.75 -7.26 -3.37
CA THR E 395 44.37 -6.75 -3.46
C THR E 395 43.54 -7.59 -4.43
N GLU E 396 44.16 -8.05 -5.51
CA GLU E 396 43.47 -8.80 -6.55
C GLU E 396 43.32 -10.28 -6.22
N LEU E 397 43.76 -10.71 -5.04
CA LEU E 397 43.33 -11.98 -4.47
C LEU E 397 42.51 -11.79 -3.20
N SER E 398 42.40 -10.56 -2.70
CA SER E 398 41.48 -10.28 -1.61
C SER E 398 40.15 -9.73 -2.10
N PHE E 399 40.12 -8.98 -3.20
CA PHE E 399 38.89 -8.46 -3.75
C PHE E 399 38.25 -9.42 -4.73
N THR E 400 38.76 -10.64 -4.86
CA THR E 400 38.06 -11.71 -5.56
C THR E 400 37.61 -12.83 -4.64
N SER E 401 38.20 -12.95 -3.45
CA SER E 401 37.77 -13.94 -2.48
C SER E 401 36.67 -13.41 -1.59
N PHE E 402 36.80 -12.18 -1.14
CA PHE E 402 35.78 -11.52 -0.34
C PHE E 402 34.67 -10.91 -1.18
N GLN E 403 34.61 -11.20 -2.48
CA GLN E 403 33.55 -10.64 -3.30
C GLN E 403 32.22 -11.33 -3.02
N GLY E 404 32.24 -12.63 -2.74
CA GLY E 404 31.04 -13.30 -2.28
C GLY E 404 30.55 -12.81 -0.93
N LEU E 405 31.46 -12.29 -0.11
CA LEU E 405 31.09 -11.64 1.13
C LEU E 405 30.44 -10.28 0.87
N MET E 406 30.88 -9.58 -0.18
CA MET E 406 30.41 -8.21 -0.39
C MET E 406 29.12 -8.16 -1.20
N VAL E 407 28.86 -9.19 -2.00
CA VAL E 407 27.56 -9.28 -2.65
C VAL E 407 26.53 -9.86 -1.68
N ALA E 408 26.99 -10.48 -0.60
CA ALA E 408 26.08 -10.95 0.43
C ALA E 408 25.72 -9.83 1.38
N ILE E 409 26.67 -8.95 1.70
CA ILE E 409 26.40 -7.85 2.61
C ILE E 409 25.57 -6.78 1.92
N LEU E 410 26.03 -6.30 0.77
CA LEU E 410 25.41 -5.16 0.12
C LEU E 410 24.07 -5.47 -0.52
N TYR E 411 23.76 -6.75 -0.76
CA TYR E 411 22.55 -7.10 -1.48
C TYR E 411 21.64 -8.05 -0.72
N CYS E 412 22.04 -8.50 0.46
CA CYS E 412 21.10 -9.14 1.38
C CYS E 412 21.03 -8.43 2.72
N PHE E 413 22.15 -8.25 3.41
CA PHE E 413 22.09 -7.94 4.84
C PHE E 413 21.81 -6.47 5.09
N VAL E 414 22.55 -5.56 4.44
CA VAL E 414 22.27 -4.14 4.61
C VAL E 414 21.18 -3.65 3.65
N ASN E 415 20.56 -4.54 2.91
CA ASN E 415 19.35 -4.21 2.17
C ASN E 415 18.23 -3.88 3.14
N ASN E 416 17.54 -2.77 2.90
CA ASN E 416 16.52 -2.32 3.83
C ASN E 416 15.24 -3.13 3.73
N GLU E 417 14.86 -3.57 2.52
CA GLU E 417 13.65 -4.37 2.38
C GLU E 417 13.85 -5.82 2.80
N VAL E 418 15.07 -6.21 3.16
CA VAL E 418 15.33 -7.45 3.87
C VAL E 418 15.37 -7.21 5.37
N GLN E 419 15.90 -6.05 5.77
CA GLN E 419 15.98 -5.71 7.19
C GLN E 419 14.60 -5.48 7.79
N LEU E 420 13.63 -5.05 6.99
CA LEU E 420 12.26 -4.97 7.48
C LEU E 420 11.51 -6.29 7.36
N GLU E 421 12.14 -7.34 6.83
CA GLU E 421 11.61 -8.69 6.96
C GLU E 421 12.09 -9.36 8.24
N PHE E 422 13.06 -8.76 8.94
CA PHE E 422 13.44 -9.16 10.28
C PHE E 422 12.88 -8.23 11.35
N ARG E 423 12.60 -6.98 10.98
CA ARG E 423 11.99 -6.03 11.91
C ARG E 423 10.48 -6.16 11.97
N LYS E 424 9.89 -7.08 11.20
CA LYS E 424 8.47 -7.36 11.29
C LYS E 424 8.16 -8.82 11.50
N SER E 425 9.11 -9.72 11.28
CA SER E 425 8.95 -11.11 11.66
C SER E 425 9.57 -11.41 13.02
N TRP E 426 9.94 -10.37 13.78
CA TRP E 426 10.35 -10.51 15.16
C TRP E 426 9.28 -10.11 16.14
N GLU E 427 8.52 -9.06 15.83
CA GLU E 427 7.33 -8.71 16.62
C GLU E 427 6.17 -9.67 16.38
N ARG E 428 6.22 -10.48 15.32
CA ARG E 428 5.33 -11.63 15.26
C ARG E 428 5.76 -12.72 16.24
N TRP E 429 7.01 -12.71 16.69
CA TRP E 429 7.47 -13.60 17.74
C TRP E 429 7.59 -12.89 19.10
N ARG E 430 7.62 -11.56 19.11
CA ARG E 430 7.65 -10.85 20.39
C ARG E 430 6.30 -10.90 21.11
N LEU E 431 5.20 -10.99 20.35
CA LEU E 431 3.90 -11.19 20.98
C LEU E 431 3.80 -12.56 21.64
N GLU E 432 4.45 -13.58 21.05
CA GLU E 432 4.48 -14.91 21.63
C GLU E 432 5.61 -15.04 22.64
#